data_6PXE
#
_entry.id   6PXE
#
_cell.length_a   78.590
_cell.length_b   82.560
_cell.length_c   81.433
_cell.angle_alpha   90.000
_cell.angle_beta   102.160
_cell.angle_gamma   90.000
#
_symmetry.space_group_name_H-M   'P 1 21 1'
#
loop_
_entity.id
_entity.type
_entity.pdbx_description
1 polymer Antiholin
2 polymer Holin
3 water water
#
loop_
_entity_poly.entity_id
_entity_poly.type
_entity_poly.pdbx_seq_one_letter_code
_entity_poly.pdbx_strand_id
1 'polypeptide(L)' MNVDPHFDKFMESGIRHVYMLFENKSVESSEQFYSFMRTTYKNDPCSSDFECIERGAEMAQSYARIMNIKLETE R,A,C,E
2 'polypeptide(L)'
;MEYYKQSKYETYSEIIEKERTARFESVALEQLQIVHISSEADFSAVYSFRPKNLNYFVDIIAYEGKLPSTISEKSLGGYP
VDKTMDEYTVHLNGRHYYSNSKFAFLPTKKPTPEINYMYSCPYFNLDNIYAGTITMYWYRNDHISNDRLESICAQAARIL
GRAK
;
T,B,D,F
#
# COMPACT_ATOMS: atom_id res chain seq x y z
N MET A 1 -1.33 20.10 -9.41
CA MET A 1 -0.32 20.98 -10.00
C MET A 1 0.58 21.61 -8.94
N ASN A 2 1.79 21.98 -9.33
CA ASN A 2 2.60 22.94 -8.58
C ASN A 2 2.95 24.12 -9.47
N VAL A 3 1.98 24.59 -10.18
CA VAL A 3 2.09 25.77 -11.00
C VAL A 3 1.82 27.00 -10.12
N ASP A 4 2.44 28.12 -10.44
CA ASP A 4 2.09 29.38 -9.79
C ASP A 4 0.59 29.54 -9.91
N PRO A 5 -0.16 29.46 -8.80
CA PRO A 5 -1.63 29.45 -8.90
C PRO A 5 -2.22 30.74 -9.42
N HIS A 6 -1.54 31.88 -9.27
CA HIS A 6 -2.06 33.11 -9.82
C HIS A 6 -1.91 33.15 -11.34
N PHE A 7 -0.76 32.72 -11.86
CA PHE A 7 -0.62 32.65 -13.31
C PHE A 7 -1.59 31.65 -13.91
N ASP A 8 -1.92 30.58 -13.17
CA ASP A 8 -2.81 29.56 -13.70
C ASP A 8 -4.23 30.09 -13.84
N LYS A 9 -4.74 30.76 -12.80
CA LYS A 9 -6.03 31.44 -12.92
C LYS A 9 -6.02 32.42 -14.08
N PHE A 10 -4.91 33.14 -14.24
CA PHE A 10 -4.78 34.16 -15.28
C PHE A 10 -4.77 33.52 -16.67
N MET A 11 -3.98 32.45 -16.84
CA MET A 11 -3.87 31.81 -18.14
C MET A 11 -5.16 31.09 -18.53
N GLU A 12 -5.83 30.48 -17.54
CA GLU A 12 -7.04 29.73 -17.83
C GLU A 12 -8.24 30.66 -18.08
N SER A 13 -8.23 31.85 -17.47
CA SER A 13 -9.21 32.86 -17.83
C SER A 13 -9.10 33.24 -19.30
N GLY A 14 -7.89 33.56 -19.76
CA GLY A 14 -7.71 33.89 -21.17
C GLY A 14 -8.10 32.77 -22.11
N ILE A 15 -7.86 31.53 -21.68
CA ILE A 15 -8.20 30.36 -22.49
C ILE A 15 -9.72 30.19 -22.58
N ARG A 16 -10.41 30.23 -21.43
CA ARG A 16 -11.83 29.89 -21.38
C ARG A 16 -12.74 31.02 -21.83
N HIS A 17 -12.25 32.26 -21.93
CA HIS A 17 -13.05 33.37 -22.42
C HIS A 17 -12.69 33.80 -23.83
N VAL A 18 -11.42 33.67 -24.23
CA VAL A 18 -10.96 34.14 -25.54
C VAL A 18 -10.40 33.02 -26.41
N TYR A 19 -9.28 32.42 -25.99
CA TYR A 19 -8.57 31.51 -26.87
C TYR A 19 -9.46 30.38 -27.40
N MET A 20 -10.43 29.93 -26.60
CA MET A 20 -11.38 28.89 -27.00
C MET A 20 -12.23 29.31 -28.21
N LEU A 21 -12.33 30.61 -28.51
CA LEU A 21 -13.11 31.11 -29.62
C LEU A 21 -12.27 31.35 -30.86
N PHE A 22 -10.94 31.24 -30.76
CA PHE A 22 -10.09 31.28 -31.93
C PHE A 22 -10.61 30.29 -32.96
N GLU A 23 -10.92 30.80 -34.15
CA GLU A 23 -11.39 29.90 -35.20
C GLU A 23 -10.26 29.08 -35.81
N ASN A 24 -9.01 29.56 -35.76
CA ASN A 24 -7.87 28.81 -36.28
C ASN A 24 -6.90 28.59 -35.12
N LYS A 25 -7.08 27.46 -34.44
CA LYS A 25 -6.11 26.96 -33.48
C LYS A 25 -5.07 26.13 -34.20
N SER A 26 -3.85 26.12 -33.65
CA SER A 26 -2.72 25.42 -34.26
C SER A 26 -1.58 25.39 -33.25
N VAL A 27 -0.58 24.57 -33.54
CA VAL A 27 0.59 24.49 -32.68
C VAL A 27 1.19 25.88 -32.49
N GLU A 28 1.32 26.63 -33.58
CA GLU A 28 1.91 27.96 -33.52
C GLU A 28 0.99 28.93 -32.80
N SER A 29 -0.26 29.05 -33.26
CA SER A 29 -1.18 30.01 -32.65
C SER A 29 -1.23 29.83 -31.13
N SER A 30 -1.27 28.58 -30.66
CA SER A 30 -1.28 28.37 -29.22
C SER A 30 0.09 28.64 -28.59
N GLU A 31 1.17 28.58 -29.37
CA GLU A 31 2.48 28.89 -28.86
C GLU A 31 2.64 30.38 -28.64
N GLN A 32 2.31 31.18 -29.65
CA GLN A 32 2.37 32.63 -29.51
C GLN A 32 1.50 33.10 -28.36
N PHE A 33 0.31 32.51 -28.22
CA PHE A 33 -0.61 32.92 -27.17
C PHE A 33 0.00 32.73 -25.78
N TYR A 34 0.43 31.50 -25.47
CA TYR A 34 1.01 31.26 -24.17
C TYR A 34 2.28 32.10 -23.95
N SER A 35 3.06 32.31 -25.01
CA SER A 35 4.26 33.15 -24.91
C SER A 35 3.90 34.58 -24.56
N PHE A 36 2.84 35.11 -25.15
CA PHE A 36 2.39 36.45 -24.78
C PHE A 36 1.87 36.48 -23.36
N MET A 37 1.05 35.48 -22.98
CA MET A 37 0.49 35.47 -21.63
C MET A 37 1.59 35.34 -20.58
N ARG A 38 2.63 34.56 -20.86
CA ARG A 38 3.67 34.35 -19.85
C ARG A 38 4.49 35.61 -19.66
N THR A 39 4.81 36.29 -20.76
CA THR A 39 5.59 37.52 -20.71
C THR A 39 4.83 38.60 -19.97
N THR A 40 3.57 38.80 -20.33
CA THR A 40 2.76 39.82 -19.68
C THR A 40 2.61 39.53 -18.20
N TYR A 41 2.28 38.27 -17.85
CA TYR A 41 2.18 37.90 -16.44
C TYR A 41 3.48 38.13 -15.70
N LYS A 42 4.60 37.64 -16.24
CA LYS A 42 5.86 37.68 -15.50
C LYS A 42 6.38 39.10 -15.32
N ASN A 43 5.98 40.03 -16.19
CA ASN A 43 6.40 41.43 -16.04
C ASN A 43 5.55 42.15 -15.03
N ASP A 44 4.32 41.70 -14.83
CA ASP A 44 3.37 42.40 -13.96
C ASP A 44 2.36 41.39 -13.41
N PRO A 45 2.81 40.49 -12.54
CA PRO A 45 1.89 39.48 -12.02
C PRO A 45 0.70 40.12 -11.32
N CYS A 46 -0.43 39.43 -11.39
CA CYS A 46 -1.55 39.70 -10.51
C CYS A 46 -1.35 38.94 -9.20
N SER A 47 -2.07 39.35 -8.17
CA SER A 47 -1.89 38.79 -6.84
C SER A 47 -3.23 38.46 -6.20
N SER A 48 -4.13 37.84 -6.99
CA SER A 48 -5.52 37.71 -6.58
C SER A 48 -6.32 36.90 -7.59
N ASP A 49 -7.17 35.98 -7.11
CA ASP A 49 -8.06 35.24 -8.00
C ASP A 49 -8.88 36.19 -8.84
N PHE A 50 -9.71 37.01 -8.19
CA PHE A 50 -10.62 37.91 -8.89
C PHE A 50 -9.89 38.83 -9.85
N GLU A 51 -8.72 39.36 -9.43
CA GLU A 51 -7.90 40.13 -10.37
C GLU A 51 -7.41 39.24 -11.51
N CYS A 52 -6.82 38.08 -11.17
CA CYS A 52 -6.22 37.24 -12.21
C CYS A 52 -7.25 36.78 -13.22
N ILE A 53 -8.43 36.35 -12.76
CA ILE A 53 -9.48 35.97 -13.70
C ILE A 53 -9.72 37.10 -14.67
N GLU A 54 -9.69 38.33 -14.17
CA GLU A 54 -10.19 39.45 -14.96
C GLU A 54 -9.12 40.04 -15.87
N ARG A 55 -7.87 40.12 -15.40
CA ARG A 55 -6.80 40.59 -16.28
C ARG A 55 -6.51 39.58 -17.39
N GLY A 56 -6.51 38.31 -17.05
CA GLY A 56 -6.26 37.26 -18.02
C GLY A 56 -7.18 37.36 -19.23
N ALA A 57 -8.45 37.63 -18.96
CA ALA A 57 -9.44 37.77 -20.02
C ALA A 57 -9.19 38.98 -20.91
N GLU A 58 -8.92 40.12 -20.28
CA GLU A 58 -8.76 41.36 -21.03
C GLU A 58 -7.52 41.34 -21.89
N MET A 59 -6.43 40.84 -21.32
CA MET A 59 -5.17 40.73 -22.05
C MET A 59 -5.34 39.83 -23.26
N ALA A 60 -6.00 38.69 -23.05
CA ALA A 60 -6.25 37.74 -24.12
C ALA A 60 -7.04 38.39 -25.26
N GLN A 61 -8.18 38.97 -24.93
CA GLN A 61 -9.01 39.65 -25.91
C GLN A 61 -8.22 40.77 -26.60
N SER A 62 -7.31 41.38 -25.85
CA SER A 62 -6.47 42.44 -26.39
C SER A 62 -5.42 41.88 -27.35
N TYR A 63 -4.75 40.82 -26.94
CA TYR A 63 -3.94 40.02 -27.85
C TYR A 63 -4.70 39.64 -29.10
N ALA A 64 -5.93 39.14 -28.92
CA ALA A 64 -6.77 38.76 -30.04
C ALA A 64 -6.92 39.92 -31.02
N ARG A 65 -7.35 41.08 -30.51
CA ARG A 65 -7.51 42.22 -31.40
C ARG A 65 -6.17 42.67 -31.97
N ILE A 66 -5.11 42.64 -31.15
CA ILE A 66 -3.80 43.08 -31.64
C ILE A 66 -3.36 42.27 -32.84
N MET A 67 -3.39 40.93 -32.71
CA MET A 67 -2.94 40.04 -33.77
C MET A 67 -3.98 39.86 -34.87
N ASN A 68 -5.19 40.37 -34.67
CA ASN A 68 -6.30 40.25 -35.62
C ASN A 68 -6.67 38.78 -35.84
N ILE A 69 -7.01 38.13 -34.72
CA ILE A 69 -7.41 36.73 -34.72
C ILE A 69 -8.93 36.63 -34.76
N LYS A 70 -9.43 35.83 -35.70
CA LYS A 70 -10.85 35.61 -35.87
C LYS A 70 -11.42 34.87 -34.68
N LEU A 71 -12.55 35.34 -34.16
CA LEU A 71 -13.21 34.77 -33.01
C LEU A 71 -14.49 34.04 -33.45
N GLU A 72 -15.41 33.84 -32.51
CA GLU A 72 -16.71 33.18 -32.72
C GLU A 72 -16.60 31.69 -33.11
N LYS B 18 14.25 20.04 -29.22
CA LYS B 18 14.18 20.62 -30.56
C LYS B 18 13.44 19.68 -31.53
N GLU B 19 14.21 18.96 -32.34
CA GLU B 19 13.72 17.80 -33.08
C GLU B 19 13.74 16.53 -32.23
N ARG B 20 13.89 16.72 -30.92
CA ARG B 20 13.50 15.71 -29.95
C ARG B 20 12.07 15.25 -30.19
N THR B 21 11.16 16.20 -30.42
CA THR B 21 9.79 15.86 -30.75
C THR B 21 9.71 15.07 -32.05
N ALA B 22 10.54 15.44 -33.04
CA ALA B 22 10.52 14.74 -34.32
C ALA B 22 10.96 13.29 -34.20
N ARG B 23 11.90 13.00 -33.30
CA ARG B 23 12.24 11.61 -33.00
C ARG B 23 11.08 10.91 -32.28
N PHE B 24 10.53 11.56 -31.25
CA PHE B 24 9.38 11.01 -30.53
C PHE B 24 8.23 10.73 -31.48
N GLU B 25 8.06 11.54 -32.53
CA GLU B 25 7.00 11.29 -33.49
C GLU B 25 7.23 10.00 -34.27
N SER B 26 8.49 9.67 -34.57
CA SER B 26 8.75 8.41 -35.28
C SER B 26 8.33 7.22 -34.42
N VAL B 27 8.68 7.26 -33.14
CA VAL B 27 8.27 6.19 -32.22
C VAL B 27 6.76 6.19 -32.03
N ALA B 28 6.17 7.37 -31.81
CA ALA B 28 4.72 7.47 -31.70
C ALA B 28 4.03 6.81 -32.89
N LEU B 29 4.52 7.06 -34.10
CA LEU B 29 3.90 6.44 -35.26
C LEU B 29 4.07 4.92 -35.23
N GLU B 30 5.23 4.44 -34.80
CA GLU B 30 5.46 3.01 -34.68
C GLU B 30 4.48 2.37 -33.69
N GLN B 31 4.45 2.88 -32.46
CA GLN B 31 3.58 2.30 -31.43
C GLN B 31 2.09 2.46 -31.75
N LEU B 32 1.70 3.54 -32.43
CA LEU B 32 0.28 3.68 -32.75
C LEU B 32 -0.17 2.60 -33.72
N GLN B 33 0.66 2.28 -34.69
CA GLN B 33 0.32 1.21 -35.63
C GLN B 33 0.03 -0.07 -34.87
N ILE B 34 0.89 -0.41 -33.91
CA ILE B 34 0.69 -1.63 -33.14
C ILE B 34 -0.63 -1.58 -32.40
N VAL B 35 -0.92 -0.43 -31.79
CA VAL B 35 -2.12 -0.34 -30.95
C VAL B 35 -3.37 -0.41 -31.81
N HIS B 36 -3.45 0.44 -32.84
CA HIS B 36 -4.64 0.47 -33.67
C HIS B 36 -5.01 -0.92 -34.20
N ILE B 37 -4.05 -1.63 -34.77
CA ILE B 37 -4.38 -2.88 -35.47
C ILE B 37 -4.72 -3.99 -34.47
N SER B 38 -3.88 -4.17 -33.44
CA SER B 38 -4.17 -5.26 -32.50
C SER B 38 -5.39 -4.95 -31.64
N SER B 39 -5.70 -3.68 -31.42
CA SER B 39 -6.94 -3.39 -30.72
C SER B 39 -8.15 -3.51 -31.62
N GLU B 40 -7.96 -3.53 -32.94
CA GLU B 40 -9.04 -3.53 -33.93
C GLU B 40 -9.88 -2.26 -33.87
N ALA B 41 -9.32 -1.15 -33.38
CA ALA B 41 -10.13 0.06 -33.24
C ALA B 41 -10.55 0.61 -34.59
N ASP B 42 -11.52 1.51 -34.56
CA ASP B 42 -11.84 2.25 -35.76
C ASP B 42 -10.93 3.45 -35.94
N PHE B 43 -10.52 4.06 -34.83
CA PHE B 43 -9.73 5.27 -34.93
C PHE B 43 -8.80 5.37 -33.73
N SER B 44 -7.52 5.63 -34.00
CA SER B 44 -6.47 5.61 -32.99
C SER B 44 -5.67 6.89 -33.07
N ALA B 45 -5.27 7.42 -31.91
CA ALA B 45 -4.55 8.70 -31.86
C ALA B 45 -3.52 8.70 -30.75
N VAL B 46 -2.44 9.45 -30.98
CA VAL B 46 -1.47 9.81 -29.95
C VAL B 46 -1.61 11.30 -29.70
N TYR B 47 -1.92 11.67 -28.46
CA TYR B 47 -2.10 13.07 -28.06
C TYR B 47 -0.88 13.48 -27.23
N SER B 48 -0.55 14.77 -27.28
CA SER B 48 0.75 15.25 -26.81
C SER B 48 0.59 16.66 -26.25
N PHE B 49 0.76 16.82 -24.93
CA PHE B 49 0.46 18.09 -24.29
C PHE B 49 1.57 19.11 -24.49
N ARG B 50 1.20 20.39 -24.42
CA ARG B 50 2.11 21.50 -24.52
C ARG B 50 1.61 22.64 -23.64
N PRO B 51 2.50 23.35 -22.94
CA PRO B 51 3.95 23.21 -22.88
C PRO B 51 4.36 22.20 -21.82
N LYS B 52 5.62 21.75 -21.86
CA LYS B 52 6.12 20.76 -20.92
C LYS B 52 5.66 21.07 -19.51
N ASN B 53 5.12 20.07 -18.82
CA ASN B 53 4.77 20.20 -17.42
C ASN B 53 3.49 21.02 -17.22
N LEU B 54 3.10 21.86 -18.18
CA LEU B 54 1.97 22.76 -17.97
C LEU B 54 0.66 22.23 -18.56
N ASN B 55 0.68 21.67 -19.78
CA ASN B 55 -0.45 21.00 -20.39
C ASN B 55 -1.67 21.92 -20.58
N TYR B 56 -1.46 23.08 -21.19
CA TYR B 56 -2.61 23.90 -21.51
C TYR B 56 -3.24 23.50 -22.85
N PHE B 57 -2.52 22.74 -23.67
CA PHE B 57 -2.90 22.47 -25.05
C PHE B 57 -2.60 21.02 -25.39
N VAL B 58 -3.43 20.44 -26.23
CA VAL B 58 -3.24 19.06 -26.64
C VAL B 58 -3.36 18.98 -28.15
N ASP B 59 -2.50 18.14 -28.76
CA ASP B 59 -2.34 18.01 -30.20
C ASP B 59 -2.44 16.54 -30.59
N ILE B 60 -3.07 16.25 -31.72
CA ILE B 60 -2.90 14.93 -32.30
C ILE B 60 -1.60 14.98 -33.10
N ILE B 61 -0.60 14.18 -32.70
CA ILE B 61 0.66 14.15 -33.43
C ILE B 61 0.72 12.98 -34.40
N ALA B 62 -0.14 11.97 -34.23
CA ALA B 62 -0.31 10.95 -35.24
C ALA B 62 -1.65 10.25 -34.96
N TYR B 63 -2.31 9.81 -36.03
CA TYR B 63 -3.54 9.06 -35.90
C TYR B 63 -3.50 7.93 -36.90
N GLU B 64 -4.40 6.96 -36.71
CA GLU B 64 -4.68 5.91 -37.69
C GLU B 64 -6.19 5.78 -37.83
N GLY B 65 -6.62 5.32 -38.99
CA GLY B 65 -8.04 5.02 -39.15
C GLY B 65 -8.91 6.16 -39.67
N LYS B 66 -10.20 6.07 -39.35
CA LYS B 66 -11.24 6.90 -39.95
C LYS B 66 -11.48 8.12 -39.06
N LEU B 67 -10.96 9.26 -39.47
CA LEU B 67 -11.25 10.52 -38.77
C LEU B 67 -12.74 10.68 -38.54
N PRO B 68 -13.18 10.89 -37.30
CA PRO B 68 -14.58 11.23 -37.07
C PRO B 68 -14.95 12.56 -37.75
N SER B 69 -16.22 12.67 -38.14
CA SER B 69 -16.66 13.85 -38.87
C SER B 69 -16.39 15.13 -38.09
N THR B 70 -16.59 15.11 -36.79
CA THR B 70 -16.42 16.33 -35.99
C THR B 70 -14.99 16.86 -35.95
N ILE B 71 -14.00 16.18 -36.54
CA ILE B 71 -12.65 16.74 -36.56
C ILE B 71 -12.00 16.55 -37.92
N SER B 72 -12.79 16.27 -38.94
CA SER B 72 -12.22 16.31 -40.29
C SER B 72 -12.02 17.75 -40.72
N GLU B 73 -11.08 17.92 -41.64
CA GLU B 73 -10.90 19.12 -42.44
C GLU B 73 -10.53 20.37 -41.64
N LYS B 74 -10.29 20.23 -40.33
CA LYS B 74 -9.84 21.30 -39.44
C LYS B 74 -8.50 20.91 -38.81
N SER B 75 -7.93 21.82 -38.00
CA SER B 75 -6.60 21.61 -37.42
C SER B 75 -6.66 20.71 -36.19
N LEU B 76 -5.74 19.76 -36.13
CA LEU B 76 -5.68 18.85 -35.00
C LEU B 76 -4.61 19.26 -33.99
N GLY B 77 -4.12 20.49 -34.08
CA GLY B 77 -3.14 21.03 -33.14
C GLY B 77 -3.62 22.24 -32.36
N GLY B 78 -2.99 22.48 -31.21
CA GLY B 78 -3.28 23.66 -30.41
C GLY B 78 -4.67 23.71 -29.84
N TYR B 79 -5.23 22.56 -29.44
CA TYR B 79 -6.52 22.51 -28.77
C TYR B 79 -6.33 22.65 -27.26
N PRO B 80 -7.20 23.39 -26.58
CA PRO B 80 -6.99 23.64 -25.15
C PRO B 80 -7.45 22.49 -24.25
N VAL B 81 -6.75 22.35 -23.14
CA VAL B 81 -6.97 21.25 -22.21
C VAL B 81 -7.91 21.72 -21.10
N ASP B 82 -8.95 20.94 -20.84
CA ASP B 82 -9.85 21.16 -19.72
C ASP B 82 -9.47 20.17 -18.61
N LYS B 83 -8.86 20.68 -17.54
CA LYS B 83 -8.31 19.75 -16.56
C LYS B 83 -9.36 19.27 -15.57
N THR B 84 -10.56 19.82 -15.60
CA THR B 84 -11.66 19.33 -14.77
C THR B 84 -12.33 18.12 -15.37
N MET B 85 -11.95 17.72 -16.58
CA MET B 85 -12.62 16.57 -17.16
C MET B 85 -12.05 15.29 -16.57
N ASP B 86 -12.90 14.28 -16.46
CA ASP B 86 -12.55 13.11 -15.67
C ASP B 86 -11.24 12.50 -16.14
N GLU B 87 -11.08 12.33 -17.46
CA GLU B 87 -9.94 11.58 -18.01
C GLU B 87 -8.61 12.14 -17.54
N TYR B 88 -8.47 13.48 -17.53
CA TYR B 88 -7.24 14.12 -17.08
C TYR B 88 -6.90 13.74 -15.65
N THR B 89 -7.90 13.67 -14.76
CA THR B 89 -7.63 13.40 -13.35
C THR B 89 -7.57 11.91 -13.05
N VAL B 90 -8.29 11.11 -13.83
CA VAL B 90 -8.17 9.66 -13.68
C VAL B 90 -6.77 9.20 -14.10
N HIS B 91 -6.30 9.67 -15.25
CA HIS B 91 -4.91 9.44 -15.66
C HIS B 91 -3.91 9.85 -14.57
N LEU B 92 -4.04 11.05 -14.01
CA LEU B 92 -3.13 11.47 -12.94
C LEU B 92 -3.30 10.65 -11.66
N ASN B 93 -4.42 9.96 -11.49
CA ASN B 93 -4.60 9.03 -10.39
C ASN B 93 -4.13 7.62 -10.73
N GLY B 94 -3.62 7.39 -11.93
CA GLY B 94 -2.99 6.13 -12.29
C GLY B 94 -3.83 5.10 -13.03
N ARG B 95 -4.99 5.47 -13.55
CA ARG B 95 -5.90 4.52 -14.19
C ARG B 95 -6.04 4.80 -15.68
N HIS B 96 -6.42 3.76 -16.43
CA HIS B 96 -6.88 3.96 -17.79
C HIS B 96 -8.25 4.62 -17.78
N TYR B 97 -8.62 5.24 -18.90
CA TYR B 97 -9.92 5.88 -18.99
C TYR B 97 -10.74 5.31 -20.15
N TYR B 98 -12.02 5.09 -19.90
CA TYR B 98 -12.93 4.63 -20.95
C TYR B 98 -14.30 5.28 -20.71
N SER B 99 -15.03 5.49 -21.79
CA SER B 99 -16.27 6.22 -21.77
C SER B 99 -16.95 6.04 -23.12
N ASN B 100 -18.27 6.10 -23.16
CA ASN B 100 -18.93 6.12 -24.46
C ASN B 100 -19.45 7.50 -24.86
N SER B 101 -19.08 8.58 -24.13
CA SER B 101 -19.47 9.92 -24.58
C SER B 101 -18.46 11.03 -24.30
N LYS B 102 -17.64 10.91 -23.26
CA LYS B 102 -16.73 11.99 -22.87
C LYS B 102 -15.39 11.82 -23.58
N PHE B 103 -15.03 12.78 -24.41
CA PHE B 103 -13.80 12.73 -25.20
C PHE B 103 -12.97 13.97 -24.89
N ALA B 104 -12.37 14.01 -23.69
CA ALA B 104 -11.80 15.26 -23.19
C ALA B 104 -10.95 15.96 -24.23
N PHE B 105 -10.11 15.20 -24.92
CA PHE B 105 -9.04 15.72 -25.76
C PHE B 105 -9.36 15.77 -27.24
N LEU B 106 -10.42 15.09 -27.71
CA LEU B 106 -10.79 15.16 -29.12
C LEU B 106 -10.92 16.61 -29.55
N PRO B 107 -10.11 17.13 -30.50
CA PRO B 107 -10.07 18.58 -30.70
C PRO B 107 -11.39 19.15 -31.23
N THR B 108 -12.45 19.08 -30.43
CA THR B 108 -13.68 19.71 -30.85
C THR B 108 -14.56 19.99 -29.63
N LYS B 109 -15.20 21.16 -29.65
CA LYS B 109 -16.14 21.52 -28.60
C LYS B 109 -17.50 20.86 -28.77
N LYS B 110 -17.78 20.28 -29.92
CA LYS B 110 -19.05 19.60 -30.18
C LYS B 110 -19.01 18.18 -29.64
N PRO B 111 -20.18 17.63 -29.29
CA PRO B 111 -20.25 16.18 -29.04
C PRO B 111 -20.08 15.43 -30.35
N THR B 112 -19.73 14.16 -30.24
CA THR B 112 -19.46 13.29 -31.38
C THR B 112 -20.27 12.03 -31.15
N PRO B 113 -21.59 12.08 -31.37
CA PRO B 113 -22.40 10.89 -31.11
C PRO B 113 -22.07 9.72 -32.01
N GLU B 114 -21.35 9.93 -33.12
CA GLU B 114 -21.01 8.78 -33.93
C GLU B 114 -20.00 7.86 -33.26
N ILE B 115 -19.42 8.26 -32.14
CA ILE B 115 -18.41 7.45 -31.48
C ILE B 115 -19.09 6.63 -30.39
N ASN B 116 -18.94 5.33 -30.45
CA ASN B 116 -19.53 4.47 -29.43
C ASN B 116 -18.63 4.28 -28.20
N TYR B 117 -17.30 4.31 -28.34
CA TYR B 117 -16.45 3.93 -27.22
C TYR B 117 -15.03 4.48 -27.40
N MET B 118 -14.49 5.08 -26.34
CA MET B 118 -13.11 5.47 -26.32
C MET B 118 -12.42 4.69 -25.22
N TYR B 119 -11.13 4.42 -25.44
CA TYR B 119 -10.28 3.82 -24.42
C TYR B 119 -8.92 4.50 -24.51
N SER B 120 -8.38 4.89 -23.36
CA SER B 120 -7.14 5.64 -23.38
C SER B 120 -6.31 5.35 -22.14
N CYS B 121 -5.00 5.39 -22.32
CA CYS B 121 -4.10 5.32 -21.19
C CYS B 121 -3.07 6.43 -21.28
N PRO B 122 -2.71 7.04 -20.17
CA PRO B 122 -1.70 8.10 -20.21
C PRO B 122 -0.34 7.52 -20.55
N TYR B 123 0.54 8.37 -21.07
CA TYR B 123 1.98 8.13 -20.99
C TYR B 123 2.66 9.32 -20.33
N PHE B 124 3.86 9.09 -19.82
CA PHE B 124 4.65 10.07 -19.06
C PHE B 124 6.09 10.02 -19.53
N ASN B 125 6.76 11.18 -19.54
CA ASN B 125 8.02 11.34 -20.25
C ASN B 125 9.22 11.09 -19.33
N LEU B 126 10.44 11.34 -19.84
CA LEU B 126 11.64 11.04 -19.09
C LEU B 126 11.64 11.70 -17.72
N ASP B 127 11.07 12.90 -17.64
CA ASP B 127 10.94 13.63 -16.39
C ASP B 127 9.76 13.17 -15.52
N ASN B 128 9.09 12.06 -15.86
CA ASN B 128 7.90 11.55 -15.15
C ASN B 128 6.75 12.56 -15.09
N ILE B 129 6.57 13.38 -16.12
CA ILE B 129 5.43 14.27 -16.19
C ILE B 129 4.40 13.72 -17.16
N TYR B 130 3.12 13.82 -16.79
CA TYR B 130 2.00 13.58 -17.69
C TYR B 130 2.20 14.34 -19.01
N ALA B 131 2.49 13.60 -20.09
CA ALA B 131 2.84 14.20 -21.36
C ALA B 131 1.87 13.90 -22.50
N GLY B 132 0.87 13.07 -22.30
CA GLY B 132 -0.07 12.77 -23.36
C GLY B 132 -0.75 11.43 -23.17
N THR B 133 -1.39 10.97 -24.25
CA THR B 133 -2.27 9.81 -24.21
C THR B 133 -2.20 9.00 -25.50
N ILE B 134 -2.48 7.69 -25.38
CA ILE B 134 -2.76 6.80 -26.50
C ILE B 134 -4.24 6.44 -26.39
N THR B 135 -4.98 6.71 -27.45
CA THR B 135 -6.43 6.51 -27.39
C THR B 135 -6.92 5.74 -28.59
N MET B 136 -7.85 4.82 -28.34
CA MET B 136 -8.51 4.08 -29.40
C MET B 136 -9.99 4.46 -29.42
N TYR B 137 -10.60 4.45 -30.62
CA TYR B 137 -12.02 4.80 -30.77
C TYR B 137 -12.76 3.80 -31.65
N TRP B 138 -14.01 3.54 -31.31
CA TRP B 138 -14.88 2.65 -32.06
C TRP B 138 -16.14 3.37 -32.52
N TYR B 139 -16.68 2.94 -33.66
CA TYR B 139 -17.96 3.42 -34.17
C TYR B 139 -19.04 2.35 -34.11
N ARG B 140 -18.66 1.08 -34.20
CA ARG B 140 -19.50 -0.01 -33.76
C ARG B 140 -19.51 -0.06 -32.22
N ASN B 141 -20.44 -0.82 -31.64
CA ASN B 141 -20.46 -0.95 -30.19
C ASN B 141 -19.99 -2.32 -29.72
N ASP B 142 -19.33 -3.09 -30.58
CA ASP B 142 -18.59 -4.26 -30.15
C ASP B 142 -17.10 -3.91 -30.17
N HIS B 143 -16.47 -3.99 -29.01
CA HIS B 143 -15.03 -3.78 -28.92
C HIS B 143 -14.43 -4.94 -28.15
N ILE B 144 -13.16 -5.25 -28.43
CA ILE B 144 -12.53 -6.30 -27.66
C ILE B 144 -12.46 -5.87 -26.20
N SER B 145 -12.35 -6.85 -25.31
CA SER B 145 -12.57 -6.60 -23.90
C SER B 145 -11.59 -5.57 -23.34
N ASN B 146 -12.03 -4.83 -22.33
CA ASN B 146 -11.19 -3.83 -21.70
C ASN B 146 -9.86 -4.42 -21.24
N ASP B 147 -9.87 -5.72 -20.94
CA ASP B 147 -8.71 -6.39 -20.38
C ASP B 147 -7.59 -6.53 -21.41
N ARG B 148 -7.93 -6.84 -22.65
CA ARG B 148 -6.94 -6.87 -23.72
C ARG B 148 -6.44 -5.47 -24.04
N LEU B 149 -7.35 -4.52 -24.19
CA LEU B 149 -6.95 -3.14 -24.47
C LEU B 149 -6.02 -2.60 -23.39
N GLU B 150 -6.23 -3.02 -22.14
CA GLU B 150 -5.39 -2.56 -21.04
C GLU B 150 -3.93 -2.87 -21.32
N SER B 151 -3.61 -4.15 -21.55
CA SER B 151 -2.20 -4.52 -21.73
C SER B 151 -1.68 -4.07 -23.09
N ILE B 152 -2.54 -4.04 -24.11
CA ILE B 152 -2.15 -3.41 -25.38
C ILE B 152 -1.73 -1.96 -25.14
N CYS B 153 -2.57 -1.20 -24.45
CA CYS B 153 -2.29 0.22 -24.21
C CYS B 153 -1.09 0.40 -23.30
N ALA B 154 -0.95 -0.46 -22.27
CA ALA B 154 0.12 -0.29 -21.30
C ALA B 154 1.50 -0.53 -21.91
N GLN B 155 1.62 -1.54 -22.80
CA GLN B 155 2.93 -1.83 -23.40
C GLN B 155 3.39 -0.70 -24.33
N ALA B 156 2.46 -0.10 -25.07
CA ALA B 156 2.84 1.06 -25.87
C ALA B 156 3.11 2.28 -25.00
N ALA B 157 2.49 2.36 -23.82
CA ALA B 157 2.73 3.49 -22.94
C ALA B 157 4.15 3.47 -22.39
N ARG B 158 4.66 2.27 -22.06
CA ARG B 158 6.03 2.14 -21.56
C ARG B 158 7.02 2.63 -22.60
N ILE B 159 6.74 2.36 -23.88
CA ILE B 159 7.72 2.65 -24.92
C ILE B 159 7.70 4.14 -25.27
N LEU B 160 6.51 4.74 -25.32
CA LEU B 160 6.43 6.20 -25.51
C LEU B 160 7.13 6.94 -24.38
N GLY B 161 6.96 6.45 -23.14
CA GLY B 161 7.61 7.04 -21.98
C GLY B 161 9.12 7.11 -22.04
N ARG B 162 9.77 6.17 -22.74
CA ARG B 162 11.21 6.19 -22.92
C ARG B 162 11.64 7.01 -24.12
N ALA B 163 10.74 7.25 -25.08
CA ALA B 163 11.07 7.91 -26.33
C ALA B 163 11.44 9.39 -26.19
N LYS B 164 11.42 9.93 -24.97
CA LYS B 164 11.37 11.38 -24.69
C LYS B 164 10.88 12.26 -25.85
N MET C 1 1.23 18.30 -8.55
CA MET C 1 1.89 18.34 -9.86
C MET C 1 1.21 17.35 -10.82
N ASN C 2 1.70 17.26 -12.05
CA ASN C 2 1.19 16.30 -13.03
C ASN C 2 2.13 15.12 -13.14
N VAL C 3 2.46 14.51 -12.03
CA VAL C 3 3.52 13.52 -12.00
C VAL C 3 2.92 12.14 -12.28
N ASP C 4 3.71 11.29 -12.94
CA ASP C 4 3.47 9.86 -12.94
C ASP C 4 3.10 9.43 -11.52
N PRO C 5 1.82 9.14 -11.26
CA PRO C 5 1.43 8.71 -9.90
C PRO C 5 2.13 7.44 -9.44
N HIS C 6 2.58 6.59 -10.37
CA HIS C 6 3.28 5.37 -9.98
C HIS C 6 4.74 5.63 -9.63
N PHE C 7 5.46 6.44 -10.42
CA PHE C 7 6.84 6.74 -10.06
C PHE C 7 6.89 7.53 -8.77
N ASP C 8 5.94 8.45 -8.59
CA ASP C 8 5.84 9.27 -7.40
C ASP C 8 5.50 8.45 -6.15
N LYS C 9 4.65 7.43 -6.29
CA LYS C 9 4.50 6.47 -5.21
C LYS C 9 5.82 5.78 -4.93
N PHE C 10 6.39 5.15 -5.97
CA PHE C 10 7.65 4.42 -5.88
C PHE C 10 8.78 5.29 -5.34
N MET C 11 8.88 6.54 -5.84
CA MET C 11 9.95 7.43 -5.37
C MET C 11 9.74 7.86 -3.92
N GLU C 12 8.51 8.24 -3.56
CA GLU C 12 8.26 8.73 -2.20
C GLU C 12 8.49 7.61 -1.18
N SER C 13 8.11 6.38 -1.53
CA SER C 13 8.40 5.24 -0.66
C SER C 13 9.89 5.05 -0.49
N GLY C 14 10.66 5.13 -1.59
CA GLY C 14 12.11 5.07 -1.47
C GLY C 14 12.68 6.13 -0.54
N ILE C 15 12.12 7.34 -0.55
CA ILE C 15 12.66 8.45 0.22
C ILE C 15 12.31 8.28 1.70
N ARG C 16 11.05 7.98 2.01
CA ARG C 16 10.59 7.93 3.39
C ARG C 16 11.07 6.68 4.13
N HIS C 17 11.20 5.55 3.42
CA HIS C 17 11.63 4.32 4.07
C HIS C 17 13.14 4.18 4.09
N VAL C 18 13.84 4.74 3.12
CA VAL C 18 15.29 4.64 3.11
C VAL C 18 15.93 6.02 3.16
N TYR C 19 15.73 6.82 2.10
CA TYR C 19 16.62 7.97 1.88
C TYR C 19 16.66 8.92 3.07
N MET C 20 15.58 8.99 3.84
CA MET C 20 15.57 9.91 4.97
C MET C 20 16.38 9.39 6.15
N LEU C 21 16.82 8.14 6.13
CA LEU C 21 17.74 7.66 7.15
C LEU C 21 19.18 7.95 6.81
N PHE C 22 19.48 8.29 5.55
CA PHE C 22 20.83 8.63 5.13
C PHE C 22 21.49 9.60 6.10
N GLU C 23 22.69 9.27 6.56
CA GLU C 23 23.33 10.20 7.47
C GLU C 23 23.99 11.34 6.75
N ASN C 24 24.29 11.18 5.46
CA ASN C 24 25.01 12.18 4.69
C ASN C 24 24.19 12.53 3.45
N LYS C 25 23.27 13.47 3.63
CA LYS C 25 22.47 13.99 2.53
C LYS C 25 23.16 15.22 1.95
N SER C 26 23.26 15.27 0.63
CA SER C 26 23.87 16.39 -0.07
C SER C 26 23.25 16.49 -1.46
N VAL C 27 23.66 17.52 -2.22
CA VAL C 27 23.05 17.76 -3.52
C VAL C 27 23.23 16.55 -4.41
N GLU C 28 24.47 16.07 -4.54
CA GLU C 28 24.74 15.06 -5.55
C GLU C 28 24.39 13.67 -5.07
N SER C 29 24.31 13.45 -3.75
CA SER C 29 23.81 12.19 -3.24
C SER C 29 22.31 12.05 -3.50
N SER C 30 21.56 13.14 -3.40
CA SER C 30 20.16 13.05 -3.79
C SER C 30 20.02 12.85 -5.29
N GLU C 31 20.93 13.42 -6.11
CA GLU C 31 20.80 13.28 -7.56
C GLU C 31 21.24 11.91 -8.06
N GLN C 32 22.27 11.32 -7.46
CA GLN C 32 22.60 9.92 -7.77
C GLN C 32 21.42 9.02 -7.45
N PHE C 33 20.86 9.18 -6.24
CA PHE C 33 19.71 8.40 -5.80
C PHE C 33 18.51 8.62 -6.71
N TYR C 34 18.22 9.88 -7.05
CA TYR C 34 17.12 10.13 -7.96
C TYR C 34 17.40 9.50 -9.32
N SER C 35 18.65 9.60 -9.81
CA SER C 35 18.98 9.05 -11.13
C SER C 35 18.83 7.54 -11.14
N PHE C 36 19.20 6.87 -10.04
CA PHE C 36 18.98 5.43 -9.96
C PHE C 36 17.49 5.09 -9.82
N MET C 37 16.76 5.79 -8.95
CA MET C 37 15.35 5.46 -8.83
C MET C 37 14.60 5.70 -10.14
N ARG C 38 15.00 6.71 -10.89
CA ARG C 38 14.32 7.06 -12.13
C ARG C 38 14.58 6.02 -13.22
N THR C 39 15.84 5.65 -13.40
CA THR C 39 16.20 4.66 -14.43
C THR C 39 15.65 3.28 -14.09
N THR C 40 15.74 2.87 -12.83
CA THR C 40 15.16 1.60 -12.41
C THR C 40 13.68 1.55 -12.73
N TYR C 41 12.94 2.54 -12.24
CA TYR C 41 11.52 2.64 -12.52
C TYR C 41 11.24 2.56 -14.02
N LYS C 42 11.95 3.35 -14.83
CA LYS C 42 11.57 3.49 -16.23
C LYS C 42 11.85 2.23 -17.03
N ASN C 43 12.79 1.38 -16.58
CA ASN C 43 13.07 0.14 -17.30
C ASN C 43 12.12 -0.97 -16.93
N ASP C 44 11.44 -0.86 -15.78
CA ASP C 44 10.49 -1.89 -15.33
C ASP C 44 9.48 -1.24 -14.38
N PRO C 45 8.59 -0.42 -14.91
CA PRO C 45 7.67 0.33 -14.02
C PRO C 45 6.77 -0.60 -13.21
N CYS C 46 6.54 -0.21 -11.97
CA CYS C 46 5.50 -0.82 -11.16
C CYS C 46 4.14 -0.26 -11.57
N SER C 47 3.09 -1.07 -11.38
CA SER C 47 1.81 -0.85 -12.06
C SER C 47 0.68 -0.43 -11.14
N SER C 48 0.94 -0.27 -9.84
CA SER C 48 -0.17 -0.10 -8.92
C SER C 48 0.35 0.50 -7.63
N ASP C 49 -0.58 1.09 -6.87
CA ASP C 49 -0.28 1.66 -5.57
C ASP C 49 0.50 0.68 -4.71
N PHE C 50 -0.10 -0.48 -4.44
CA PHE C 50 0.53 -1.44 -3.55
C PHE C 50 1.85 -1.96 -4.13
N GLU C 51 1.92 -2.14 -5.44
CA GLU C 51 3.19 -2.63 -5.99
C GLU C 51 4.27 -1.55 -5.91
N CYS C 52 3.89 -0.29 -6.05
CA CYS C 52 4.89 0.77 -6.05
C CYS C 52 5.41 1.05 -4.64
N ILE C 53 4.52 1.20 -3.65
CA ILE C 53 4.97 1.48 -2.29
C ILE C 53 6.07 0.53 -1.88
N GLU C 54 6.03 -0.71 -2.35
CA GLU C 54 6.94 -1.71 -1.86
C GLU C 54 8.12 -2.02 -2.77
N ARG C 55 7.99 -1.84 -4.10
CA ARG C 55 9.19 -1.86 -4.93
C ARG C 55 10.07 -0.63 -4.68
N GLY C 56 9.47 0.51 -4.37
CA GLY C 56 10.26 1.70 -4.04
C GLY C 56 11.10 1.50 -2.80
N ALA C 57 10.52 0.89 -1.77
CA ALA C 57 11.23 0.60 -0.53
C ALA C 57 12.42 -0.30 -0.78
N GLU C 58 12.17 -1.47 -1.36
CA GLU C 58 13.22 -2.48 -1.42
C GLU C 58 14.27 -2.16 -2.46
N MET C 59 13.97 -1.26 -3.41
CA MET C 59 14.99 -0.88 -4.40
C MET C 59 15.89 0.23 -3.86
N ALA C 60 15.31 1.26 -3.26
CA ALA C 60 16.12 2.19 -2.47
C ALA C 60 16.98 1.43 -1.48
N GLN C 61 16.40 0.41 -0.85
CA GLN C 61 17.17 -0.42 0.07
C GLN C 61 18.35 -1.08 -0.64
N SER C 62 18.13 -1.57 -1.86
CA SER C 62 19.23 -2.16 -2.63
C SER C 62 20.29 -1.12 -2.92
N TYR C 63 19.86 0.02 -3.46
CA TYR C 63 20.78 1.13 -3.73
C TYR C 63 21.68 1.39 -2.53
N ALA C 64 21.11 1.38 -1.34
CA ALA C 64 21.92 1.62 -0.15
C ALA C 64 23.09 0.65 -0.06
N ARG C 65 22.86 -0.63 -0.38
CA ARG C 65 23.95 -1.60 -0.27
C ARG C 65 24.90 -1.51 -1.46
N ILE C 66 24.38 -1.28 -2.67
CA ILE C 66 25.21 -1.26 -3.87
C ILE C 66 26.34 -0.25 -3.71
N MET C 67 25.98 1.02 -3.59
CA MET C 67 26.97 2.08 -3.45
C MET C 67 27.40 2.29 -2.00
N ASN C 68 26.98 1.42 -1.08
CA ASN C 68 27.53 1.31 0.27
C ASN C 68 27.36 2.63 1.05
N ILE C 69 26.11 2.93 1.40
CA ILE C 69 25.73 4.20 2.00
C ILE C 69 25.37 4.01 3.47
N LYS C 70 25.97 4.84 4.31
CA LYS C 70 25.80 4.84 5.76
C LYS C 70 24.39 5.26 6.16
N LEU C 71 23.74 4.46 7.01
CA LEU C 71 22.35 4.69 7.38
C LEU C 71 22.16 5.01 8.88
N GLU C 72 20.92 4.87 9.36
CA GLU C 72 20.53 5.21 10.73
C GLU C 72 21.04 6.61 11.11
N ARG D 20 25.93 23.35 -16.25
CA ARG D 20 24.82 24.10 -15.66
C ARG D 20 24.95 25.59 -15.99
N THR D 21 23.83 26.31 -15.96
CA THR D 21 23.86 27.77 -15.87
C THR D 21 23.52 28.16 -14.44
N ALA D 22 24.50 28.72 -13.74
CA ALA D 22 24.23 29.32 -12.44
C ALA D 22 23.33 30.54 -12.67
N ARG D 23 23.85 31.71 -12.30
CA ARG D 23 23.20 33.00 -12.56
C ARG D 23 21.99 33.21 -11.66
N PHE D 24 21.18 32.15 -11.49
CA PHE D 24 20.10 32.23 -10.52
C PHE D 24 20.63 32.50 -9.12
N GLU D 25 21.80 31.96 -8.80
CA GLU D 25 22.35 32.10 -7.45
C GLU D 25 22.98 33.47 -7.27
N SER D 26 23.52 34.06 -8.34
CA SER D 26 23.94 35.45 -8.26
C SER D 26 22.77 36.35 -7.92
N VAL D 27 21.61 36.07 -8.49
CA VAL D 27 20.40 36.84 -8.18
C VAL D 27 19.79 36.41 -6.84
N ALA D 28 19.87 35.12 -6.48
CA ALA D 28 19.42 34.72 -5.14
C ALA D 28 20.25 35.37 -4.04
N LEU D 29 21.51 35.68 -4.32
CA LEU D 29 22.33 36.36 -3.32
C LEU D 29 21.88 37.81 -3.14
N GLU D 30 21.84 38.56 -4.25
CA GLU D 30 21.47 39.97 -4.20
C GLU D 30 20.14 40.17 -3.49
N GLN D 31 19.13 39.39 -3.86
CA GLN D 31 17.80 39.58 -3.27
C GLN D 31 17.77 39.21 -1.79
N LEU D 32 18.44 38.12 -1.40
CA LEU D 32 18.43 37.77 0.01
C LEU D 32 19.15 38.85 0.84
N GLN D 33 20.21 39.45 0.31
CA GLN D 33 20.81 40.61 0.96
C GLN D 33 19.75 41.64 1.31
N ILE D 34 19.00 42.09 0.30
CA ILE D 34 17.93 43.05 0.49
C ILE D 34 16.92 42.52 1.48
N VAL D 35 16.52 41.26 1.34
CA VAL D 35 15.48 40.71 2.21
C VAL D 35 15.99 40.66 3.66
N HIS D 36 17.19 40.11 3.87
CA HIS D 36 17.75 39.98 5.21
C HIS D 36 17.80 41.33 5.92
N ILE D 37 18.45 42.31 5.30
CA ILE D 37 18.66 43.59 5.98
C ILE D 37 17.34 44.34 6.16
N SER D 38 16.49 44.38 5.12
CA SER D 38 15.25 45.14 5.21
C SER D 38 14.34 44.56 6.27
N SER D 39 14.26 43.24 6.35
CA SER D 39 13.43 42.62 7.39
C SER D 39 14.07 42.67 8.76
N GLU D 40 15.36 43.01 8.84
CA GLU D 40 16.18 42.93 10.05
C GLU D 40 15.96 41.59 10.78
N ALA D 41 16.06 40.51 10.00
CA ALA D 41 15.96 39.16 10.54
C ALA D 41 17.29 38.73 11.15
N ASP D 42 17.24 37.65 11.91
CA ASP D 42 18.49 37.08 12.39
C ASP D 42 19.15 36.21 11.33
N PHE D 43 18.35 35.49 10.57
CA PHE D 43 18.87 34.48 9.65
C PHE D 43 17.88 34.35 8.52
N SER D 44 18.39 34.28 7.29
CA SER D 44 17.56 34.37 6.09
C SER D 44 18.15 33.46 5.04
N ALA D 45 17.29 32.74 4.31
CA ALA D 45 17.79 31.74 3.38
C ALA D 45 16.91 31.65 2.14
N VAL D 46 17.54 31.30 1.01
CA VAL D 46 16.85 30.98 -0.24
C VAL D 46 16.88 29.46 -0.42
N TYR D 47 15.72 28.81 -0.31
CA TYR D 47 15.62 27.38 -0.58
C TYR D 47 15.18 27.14 -2.02
N SER D 48 15.64 26.01 -2.59
CA SER D 48 15.54 25.72 -4.03
C SER D 48 15.28 24.23 -4.25
N PHE D 49 14.25 23.91 -5.04
CA PHE D 49 13.74 22.55 -5.16
C PHE D 49 14.40 21.78 -6.29
N ARG D 50 14.36 20.46 -6.19
CA ARG D 50 15.01 19.57 -7.15
C ARG D 50 14.32 18.21 -7.09
N PRO D 51 14.26 17.49 -8.21
CA PRO D 51 14.55 17.97 -9.56
C PRO D 51 13.44 18.91 -10.02
N LYS D 52 13.66 19.58 -11.15
CA LYS D 52 12.68 20.55 -11.66
C LYS D 52 11.29 19.93 -11.74
N ASN D 53 10.33 20.61 -11.12
CA ASN D 53 8.92 20.35 -11.18
C ASN D 53 8.49 19.13 -10.39
N LEU D 54 9.42 18.43 -9.73
CA LEU D 54 9.01 17.32 -8.88
C LEU D 54 9.25 17.60 -7.40
N ASN D 55 10.16 18.52 -7.08
CA ASN D 55 10.33 19.00 -5.72
C ASN D 55 10.46 17.83 -4.73
N TYR D 56 11.37 16.91 -5.05
CA TYR D 56 11.64 15.85 -4.09
C TYR D 56 12.63 16.30 -3.03
N PHE D 57 13.57 17.16 -3.39
CA PHE D 57 14.61 17.61 -2.48
C PHE D 57 14.59 19.13 -2.39
N VAL D 58 15.07 19.65 -1.26
CA VAL D 58 15.20 21.09 -1.05
C VAL D 58 16.63 21.38 -0.59
N ASP D 59 17.27 22.39 -1.20
CA ASP D 59 18.59 22.85 -0.82
C ASP D 59 18.52 24.28 -0.29
N ILE D 60 19.52 24.64 0.50
CA ILE D 60 19.83 26.04 0.77
C ILE D 60 20.91 26.47 -0.22
N ILE D 61 20.59 27.42 -1.09
CA ILE D 61 21.59 27.88 -2.06
C ILE D 61 22.19 29.22 -1.67
N ALA D 62 21.68 29.85 -0.61
CA ALA D 62 22.25 31.09 -0.08
C ALA D 62 21.60 31.37 1.26
N TYR D 63 22.39 31.73 2.24
CA TYR D 63 21.85 32.17 3.52
C TYR D 63 22.58 33.43 3.93
N GLU D 64 21.95 34.19 4.84
CA GLU D 64 22.56 35.32 5.51
C GLU D 64 22.25 35.19 6.99
N GLY D 65 23.03 35.89 7.81
CA GLY D 65 22.91 35.76 9.25
C GLY D 65 23.69 34.56 9.78
N LYS D 66 23.35 34.18 11.01
CA LYS D 66 24.03 33.09 11.68
C LYS D 66 23.12 31.88 11.72
N LEU D 67 23.67 30.74 11.31
CA LEU D 67 22.86 29.54 11.17
C LEU D 67 22.30 29.13 12.53
N PRO D 68 21.02 28.74 12.59
CA PRO D 68 20.50 28.10 13.81
C PRO D 68 21.37 26.93 14.24
N SER D 69 21.43 26.69 15.55
CA SER D 69 22.30 25.63 16.04
C SER D 69 21.98 24.26 15.44
N THR D 70 20.76 24.02 14.93
CA THR D 70 20.44 22.68 14.42
C THR D 70 21.02 22.39 13.04
N ILE D 71 21.47 23.39 12.27
CA ILE D 71 22.03 23.11 10.95
C ILE D 71 23.47 23.60 10.81
N SER D 72 24.17 23.79 11.93
CA SER D 72 25.37 24.62 11.93
C SER D 72 26.53 24.02 11.12
N GLU D 73 26.94 22.81 11.44
CA GLU D 73 28.12 22.22 10.81
C GLU D 73 27.76 21.03 9.94
N LYS D 74 26.57 21.09 9.33
CA LYS D 74 25.90 20.01 8.65
C LYS D 74 25.60 20.43 7.21
N SER D 75 25.54 19.46 6.31
CA SER D 75 25.15 19.74 4.92
C SER D 75 23.76 20.38 4.88
N LEU D 76 23.64 21.47 4.12
CA LEU D 76 22.36 22.16 3.97
C LEU D 76 21.70 21.85 2.61
N GLY D 77 22.07 20.73 1.97
CA GLY D 77 21.55 20.37 0.68
C GLY D 77 21.05 18.96 0.63
N GLY D 78 20.17 18.71 -0.34
CA GLY D 78 19.63 17.38 -0.56
C GLY D 78 18.71 16.89 0.53
N TYR D 79 17.96 17.80 1.17
CA TYR D 79 17.07 17.39 2.23
C TYR D 79 15.70 17.05 1.67
N PRO D 80 15.07 15.95 2.10
CA PRO D 80 13.82 15.52 1.48
C PRO D 80 12.66 16.46 1.76
N VAL D 81 11.80 16.58 0.76
CA VAL D 81 10.65 17.47 0.82
C VAL D 81 9.43 16.67 1.30
N ASP D 82 8.88 17.10 2.42
CA ASP D 82 7.57 16.62 2.88
C ASP D 82 6.51 17.51 2.27
N LYS D 83 5.91 17.06 1.16
CA LYS D 83 4.90 17.87 0.51
C LYS D 83 3.64 18.04 1.36
N THR D 84 3.50 17.29 2.45
CA THR D 84 2.31 17.33 3.27
C THR D 84 2.36 18.38 4.37
N MET D 85 3.50 19.01 4.62
CA MET D 85 3.50 20.05 5.63
C MET D 85 2.78 21.30 5.11
N ASP D 86 2.32 22.10 6.06
CA ASP D 86 1.47 23.25 5.74
C ASP D 86 2.12 24.17 4.73
N GLU D 87 3.36 24.60 5.00
CA GLU D 87 4.05 25.58 4.14
C GLU D 87 3.98 25.21 2.64
N TYR D 88 4.27 23.95 2.30
CA TYR D 88 4.17 23.52 0.90
C TYR D 88 2.78 23.80 0.34
N THR D 89 1.74 23.32 1.02
CA THR D 89 0.38 23.47 0.50
C THR D 89 -0.06 24.94 0.48
N VAL D 90 0.29 25.68 1.52
CA VAL D 90 -0.03 27.10 1.58
C VAL D 90 0.62 27.88 0.43
N HIS D 91 1.85 27.52 0.06
CA HIS D 91 2.54 28.23 -1.02
C HIS D 91 1.91 27.94 -2.36
N LEU D 92 1.35 26.74 -2.52
CA LEU D 92 0.65 26.40 -3.75
C LEU D 92 -0.69 27.10 -3.83
N ASN D 93 -1.30 27.43 -2.70
CA ASN D 93 -2.47 28.28 -2.76
C ASN D 93 -2.11 29.71 -3.11
N GLY D 94 -0.83 30.08 -2.95
CA GLY D 94 -0.36 31.40 -3.33
C GLY D 94 -0.29 32.44 -2.23
N ARG D 95 -0.35 32.04 -0.95
CA ARG D 95 -0.20 32.94 0.18
C ARG D 95 1.11 32.67 0.92
N HIS D 96 1.47 33.62 1.77
CA HIS D 96 2.70 33.46 2.52
C HIS D 96 2.44 32.59 3.74
N TYR D 97 3.53 32.08 4.31
CA TYR D 97 3.45 31.24 5.49
C TYR D 97 4.29 31.84 6.61
N TYR D 98 3.77 31.78 7.83
CA TYR D 98 4.56 32.09 9.02
C TYR D 98 4.19 31.09 10.12
N SER D 99 5.07 30.98 11.12
CA SER D 99 4.90 29.91 12.11
C SER D 99 5.83 30.12 13.29
N ASN D 100 5.47 29.51 14.42
CA ASN D 100 6.31 29.57 15.61
C ASN D 100 7.24 28.37 15.71
N SER D 101 6.84 27.22 15.18
CA SER D 101 7.55 25.97 15.49
C SER D 101 7.51 24.94 14.37
N LYS D 102 7.23 25.34 13.13
CA LYS D 102 7.14 24.41 12.01
C LYS D 102 8.03 24.94 10.90
N PHE D 103 9.10 24.21 10.60
CA PHE D 103 10.12 24.62 9.64
C PHE D 103 10.29 23.47 8.64
N ALA D 104 9.34 23.37 7.71
CA ALA D 104 9.24 22.19 6.86
C ALA D 104 10.54 21.94 6.12
N PHE D 105 11.17 23.00 5.63
CA PHE D 105 12.30 22.90 4.72
C PHE D 105 13.66 23.00 5.38
N LEU D 106 13.74 23.45 6.63
CA LEU D 106 15.02 23.62 7.32
C LEU D 106 15.76 22.29 7.41
N PRO D 107 17.00 22.19 6.91
CA PRO D 107 17.59 20.86 6.67
C PRO D 107 17.95 20.04 7.91
N THR D 108 16.96 19.67 8.73
CA THR D 108 17.21 18.81 9.90
C THR D 108 15.89 18.22 10.36
N LYS D 109 15.98 17.03 10.99
CA LYS D 109 14.83 16.43 11.66
C LYS D 109 14.65 16.96 13.07
N LYS D 110 15.74 17.28 13.74
CA LYS D 110 15.68 17.84 15.09
C LYS D 110 14.79 19.08 15.09
N PRO D 111 13.98 19.27 16.13
CA PRO D 111 13.32 20.58 16.30
C PRO D 111 14.36 21.67 16.49
N THR D 112 13.93 22.93 16.36
CA THR D 112 14.82 24.08 16.48
C THR D 112 14.16 25.14 17.36
N PRO D 113 13.89 24.82 18.64
CA PRO D 113 13.10 25.74 19.47
C PRO D 113 13.71 27.11 19.63
N GLU D 114 15.00 27.28 19.33
CA GLU D 114 15.57 28.62 19.39
C GLU D 114 15.01 29.56 18.33
N ILE D 115 14.25 29.07 17.36
CA ILE D 115 13.55 29.95 16.41
C ILE D 115 12.19 30.31 17.00
N ASN D 116 11.95 31.61 17.14
CA ASN D 116 10.65 32.08 17.61
C ASN D 116 9.67 32.33 16.47
N TYR D 117 10.16 32.58 15.26
CA TYR D 117 9.29 33.01 14.17
C TYR D 117 9.96 32.76 12.82
N MET D 118 9.14 32.34 11.85
CA MET D 118 9.59 32.17 10.48
C MET D 118 8.54 32.75 9.56
N TYR D 119 8.99 33.50 8.56
CA TYR D 119 8.12 34.04 7.52
C TYR D 119 8.72 33.67 6.17
N SER D 120 7.87 33.25 5.24
CA SER D 120 8.39 32.78 3.96
C SER D 120 7.38 32.98 2.84
N CYS D 121 7.91 33.07 1.62
CA CYS D 121 7.10 33.21 0.44
C CYS D 121 7.65 32.37 -0.72
N PRO D 122 6.78 31.72 -1.49
CA PRO D 122 7.27 30.94 -2.63
C PRO D 122 7.79 31.87 -3.71
N TYR D 123 8.64 31.32 -4.56
CA TYR D 123 8.98 31.94 -5.83
C TYR D 123 8.77 30.87 -6.91
N PHE D 124 8.35 31.30 -8.08
CA PHE D 124 8.03 30.42 -9.20
C PHE D 124 8.90 30.80 -10.38
N ASN D 125 9.42 29.80 -11.09
CA ASN D 125 10.44 30.05 -12.10
C ASN D 125 9.79 30.53 -13.40
N LEU D 126 10.55 30.54 -14.48
CA LEU D 126 10.03 31.06 -15.74
C LEU D 126 8.95 30.17 -16.34
N ASP D 127 8.93 28.88 -16.00
CA ASP D 127 7.88 27.98 -16.46
C ASP D 127 6.66 27.97 -15.54
N ASN D 128 6.64 28.87 -14.53
CA ASN D 128 5.49 29.13 -13.66
C ASN D 128 5.24 27.98 -12.69
N ILE D 129 6.32 27.43 -12.14
CA ILE D 129 6.24 26.26 -11.29
C ILE D 129 6.93 26.57 -9.97
N TYR D 130 6.31 26.13 -8.87
CA TYR D 130 6.88 26.19 -7.53
C TYR D 130 8.33 25.73 -7.58
N ALA D 131 9.27 26.65 -7.30
CA ALA D 131 10.70 26.35 -7.40
C ALA D 131 11.49 26.61 -6.11
N GLY D 132 10.84 27.00 -5.02
CA GLY D 132 11.56 27.25 -3.79
C GLY D 132 10.93 28.38 -3.03
N THR D 133 11.66 28.86 -2.02
CA THR D 133 11.14 29.83 -1.07
C THR D 133 12.23 30.84 -0.69
N ILE D 134 11.80 32.00 -0.23
CA ILE D 134 12.65 32.97 0.44
C ILE D 134 12.15 33.08 1.87
N THR D 135 13.06 32.94 2.83
CA THR D 135 12.62 32.65 4.19
C THR D 135 13.43 33.46 5.18
N MET D 136 12.74 34.03 6.16
CA MET D 136 13.33 34.86 7.20
C MET D 136 13.06 34.24 8.56
N TYR D 137 14.08 34.25 9.43
CA TYR D 137 14.02 33.59 10.74
C TYR D 137 14.44 34.55 11.84
N TRP D 138 13.73 34.50 12.97
CA TRP D 138 14.04 35.33 14.13
C TRP D 138 14.34 34.46 15.34
N TYR D 139 15.43 34.79 16.03
CA TYR D 139 15.80 34.17 17.29
C TYR D 139 15.23 34.93 18.47
N ARG D 140 15.15 36.25 18.36
CA ARG D 140 14.38 37.11 19.26
C ARG D 140 12.91 37.11 18.88
N ASN D 141 12.03 37.26 19.87
CA ASN D 141 10.59 37.19 19.60
C ASN D 141 10.01 38.53 19.14
N ASP D 142 10.83 39.48 18.77
CA ASP D 142 10.38 40.73 18.17
C ASP D 142 10.73 40.72 16.69
N HIS D 143 9.84 41.27 15.87
CA HIS D 143 10.09 41.36 14.44
C HIS D 143 9.16 42.42 13.85
N ILE D 144 9.62 43.07 12.78
CA ILE D 144 8.81 44.07 12.09
C ILE D 144 7.46 43.49 11.66
N SER D 145 6.57 44.35 11.18
CA SER D 145 5.21 43.91 10.89
C SER D 145 5.19 42.87 9.78
N ASN D 146 4.19 41.99 9.82
CA ASN D 146 4.02 41.03 8.74
C ASN D 146 3.78 41.71 7.41
N ASP D 147 3.19 42.92 7.43
CA ASP D 147 2.87 43.62 6.20
C ASP D 147 4.13 44.12 5.50
N ARG D 148 5.12 44.59 6.27
CA ARG D 148 6.39 44.90 5.64
C ARG D 148 7.10 43.63 5.20
N LEU D 149 6.96 42.55 5.97
CA LEU D 149 7.49 41.25 5.57
C LEU D 149 6.94 40.82 4.22
N GLU D 150 5.65 41.01 4.00
CA GLU D 150 5.03 40.60 2.74
C GLU D 150 5.66 41.33 1.56
N SER D 151 5.70 42.67 1.61
CA SER D 151 6.12 43.43 0.43
C SER D 151 7.61 43.26 0.17
N ILE D 152 8.41 43.16 1.23
CA ILE D 152 9.80 42.77 1.02
C ILE D 152 9.85 41.41 0.36
N CYS D 153 9.02 40.49 0.82
CA CYS D 153 9.09 39.14 0.30
C CYS D 153 8.63 39.11 -1.16
N ALA D 154 7.44 39.65 -1.44
CA ALA D 154 6.88 39.58 -2.78
C ALA D 154 7.79 40.23 -3.81
N GLN D 155 8.39 41.38 -3.47
CA GLN D 155 9.26 42.04 -4.46
C GLN D 155 10.50 41.19 -4.76
N ALA D 156 11.00 40.43 -3.78
CA ALA D 156 12.12 39.55 -4.10
C ALA D 156 11.65 38.30 -4.84
N ALA D 157 10.50 37.75 -4.45
CA ALA D 157 9.92 36.62 -5.16
C ALA D 157 9.78 36.90 -6.64
N ARG D 158 9.27 38.10 -6.98
CA ARG D 158 9.09 38.48 -8.37
C ARG D 158 10.41 38.52 -9.11
N ILE D 159 11.48 38.92 -8.43
CA ILE D 159 12.76 39.04 -9.11
C ILE D 159 13.37 37.65 -9.31
N LEU D 160 13.31 36.78 -8.31
CA LEU D 160 13.79 35.41 -8.50
C LEU D 160 13.01 34.70 -9.58
N GLY D 161 11.72 34.97 -9.69
CA GLY D 161 10.92 34.31 -10.71
C GLY D 161 11.38 34.65 -12.11
N ARG D 162 11.74 35.91 -12.33
CA ARG D 162 12.24 36.31 -13.65
C ARG D 162 13.63 35.77 -13.93
N ALA D 163 14.36 35.33 -12.91
CA ALA D 163 15.78 35.09 -13.09
C ALA D 163 16.07 33.69 -13.60
N LYS D 164 15.35 32.70 -13.09
CA LYS D 164 15.54 31.28 -13.38
C LYS D 164 16.93 30.75 -13.10
N MET E 1 2.12 -19.69 6.94
CA MET E 1 1.23 -19.71 8.09
C MET E 1 1.80 -20.48 9.27
N ASN E 2 1.00 -20.52 10.34
CA ASN E 2 1.21 -21.38 11.48
C ASN E 2 0.55 -22.74 11.29
N VAL E 3 0.30 -23.13 10.06
CA VAL E 3 -0.46 -24.33 9.74
C VAL E 3 0.50 -25.50 9.57
N ASP E 4 0.07 -26.67 10.00
CA ASP E 4 0.77 -27.93 9.81
C ASP E 4 1.09 -28.08 8.33
N PRO E 5 2.36 -27.98 7.94
CA PRO E 5 2.68 -27.98 6.49
C PRO E 5 2.39 -29.30 5.79
N HIS E 6 2.36 -30.43 6.51
CA HIS E 6 2.02 -31.70 5.87
C HIS E 6 0.56 -31.73 5.48
N PHE E 7 -0.34 -31.40 6.42
CA PHE E 7 -1.77 -31.38 6.12
C PHE E 7 -2.10 -30.34 5.06
N ASP E 8 -1.37 -29.23 5.06
CA ASP E 8 -1.60 -28.16 4.08
C ASP E 8 -1.27 -28.63 2.67
N LYS E 9 -0.13 -29.29 2.50
CA LYS E 9 0.11 -30.02 1.26
C LYS E 9 -1.06 -30.92 0.92
N PHE E 10 -1.50 -31.73 1.91
CA PHE E 10 -2.55 -32.73 1.75
C PHE E 10 -3.92 -32.12 1.42
N MET E 11 -4.28 -31.02 2.07
CA MET E 11 -5.56 -30.40 1.76
C MET E 11 -5.55 -29.77 0.38
N GLU E 12 -4.49 -29.02 0.05
CA GLU E 12 -4.45 -28.26 -1.19
C GLU E 12 -4.37 -29.17 -2.41
N SER E 13 -3.67 -30.30 -2.29
CA SER E 13 -3.71 -31.27 -3.36
C SER E 13 -5.14 -31.75 -3.60
N GLY E 14 -5.82 -32.19 -2.53
CA GLY E 14 -7.20 -32.64 -2.66
C GLY E 14 -8.13 -31.58 -3.23
N ILE E 15 -7.94 -30.32 -2.83
CA ILE E 15 -8.66 -29.20 -3.43
C ILE E 15 -8.29 -29.05 -4.91
N ARG E 16 -7.00 -28.92 -5.22
CA ARG E 16 -6.54 -28.57 -6.56
C ARG E 16 -6.54 -29.73 -7.55
N HIS E 17 -7.18 -30.85 -7.24
CA HIS E 17 -7.23 -31.99 -8.16
C HIS E 17 -8.58 -32.64 -8.23
N VAL E 18 -9.43 -32.42 -7.24
CA VAL E 18 -10.71 -33.10 -7.17
C VAL E 18 -11.78 -32.09 -6.85
N TYR E 19 -11.66 -31.42 -5.70
CA TYR E 19 -12.71 -30.49 -5.29
C TYR E 19 -12.84 -29.32 -6.26
N MET E 20 -11.76 -28.88 -6.89
CA MET E 20 -11.89 -27.81 -7.88
C MET E 20 -12.75 -28.25 -9.05
N LEU E 21 -13.27 -29.48 -9.02
CA LEU E 21 -14.02 -30.01 -10.15
C LEU E 21 -15.46 -30.39 -9.80
N PHE E 22 -15.84 -30.37 -8.53
CA PHE E 22 -17.22 -30.55 -8.08
C PHE E 22 -18.14 -29.61 -8.85
N GLU E 23 -19.03 -30.17 -9.67
CA GLU E 23 -19.99 -29.34 -10.37
C GLU E 23 -20.82 -28.52 -9.41
N ASN E 24 -21.10 -29.08 -8.23
CA ASN E 24 -21.94 -28.44 -7.22
C ASN E 24 -21.10 -28.25 -5.97
N LYS E 25 -20.45 -27.10 -5.88
CA LYS E 25 -19.84 -26.66 -4.65
C LYS E 25 -20.88 -25.91 -3.84
N SER E 26 -20.64 -25.83 -2.54
CA SER E 26 -21.55 -25.13 -1.63
C SER E 26 -20.90 -25.06 -0.25
N VAL E 27 -21.65 -24.49 0.70
CA VAL E 27 -21.21 -24.43 2.09
C VAL E 27 -21.24 -25.81 2.72
N GLU E 28 -22.26 -26.61 2.40
CA GLU E 28 -22.34 -27.93 3.01
C GLU E 28 -21.33 -28.89 2.40
N SER E 29 -21.10 -28.81 1.10
CA SER E 29 -20.17 -29.71 0.44
C SER E 29 -18.73 -29.45 0.88
N SER E 30 -18.36 -28.18 1.05
CA SER E 30 -17.01 -27.86 1.49
C SER E 30 -16.77 -28.27 2.94
N GLU E 31 -17.80 -28.23 3.78
CA GLU E 31 -17.62 -28.67 5.16
C GLU E 31 -17.46 -30.18 5.23
N GLN E 32 -18.16 -30.89 4.36
CA GLN E 32 -18.05 -32.35 4.31
C GLN E 32 -16.68 -32.76 3.81
N PHE E 33 -16.29 -32.21 2.65
CA PHE E 33 -15.01 -32.55 2.08
C PHE E 33 -13.86 -32.21 3.02
N TYR E 34 -13.95 -31.07 3.71
CA TYR E 34 -12.94 -30.76 4.72
C TYR E 34 -13.00 -31.73 5.89
N SER E 35 -14.22 -32.10 6.32
CA SER E 35 -14.39 -33.01 7.44
C SER E 35 -13.89 -34.41 7.13
N PHE E 36 -13.95 -34.82 5.85
CA PHE E 36 -13.33 -36.07 5.45
C PHE E 36 -11.81 -35.97 5.30
N MET E 37 -11.25 -34.81 4.94
CA MET E 37 -9.80 -34.76 4.83
C MET E 37 -9.14 -34.54 6.19
N ARG E 38 -9.84 -33.88 7.11
CA ARG E 38 -9.33 -33.65 8.48
C ARG E 38 -9.29 -34.95 9.28
N THR E 39 -10.39 -35.69 9.27
CA THR E 39 -10.41 -36.97 10.00
C THR E 39 -9.41 -37.95 9.39
N THR E 40 -9.30 -37.98 8.05
CA THR E 40 -8.35 -38.90 7.41
C THR E 40 -6.92 -38.57 7.82
N TYR E 41 -6.51 -37.32 7.62
CA TYR E 41 -5.13 -36.94 7.86
C TYR E 41 -4.73 -37.16 9.31
N LYS E 42 -5.61 -36.85 10.25
CA LYS E 42 -5.25 -36.97 11.65
C LYS E 42 -5.05 -38.44 12.04
N ASN E 43 -5.89 -39.32 11.52
CA ASN E 43 -5.78 -40.71 11.87
C ASN E 43 -4.49 -41.32 11.36
N ASP E 44 -3.83 -40.67 10.40
CA ASP E 44 -2.51 -41.12 9.94
C ASP E 44 -1.81 -40.10 9.04
N PRO E 45 -0.99 -39.23 9.59
CA PRO E 45 -0.41 -38.15 8.80
C PRO E 45 0.70 -38.63 7.87
N CYS E 46 0.69 -38.07 6.66
CA CYS E 46 1.79 -38.27 5.74
C CYS E 46 3.00 -37.46 6.17
N SER E 47 4.18 -37.97 5.85
CA SER E 47 5.46 -37.39 6.27
C SER E 47 6.21 -36.72 5.14
N SER E 48 6.23 -37.33 3.97
CA SER E 48 6.93 -36.74 2.83
C SER E 48 6.09 -35.59 2.28
N ASP E 49 6.76 -34.48 1.98
CA ASP E 49 6.20 -33.46 1.10
C ASP E 49 5.45 -34.12 -0.05
N PHE E 50 6.14 -35.00 -0.78
CA PHE E 50 5.59 -35.55 -2.01
C PHE E 50 4.51 -36.60 -1.74
N GLU E 51 4.71 -37.46 -0.75
CA GLU E 51 3.64 -38.36 -0.32
C GLU E 51 2.37 -37.58 -0.01
N CYS E 52 2.52 -36.41 0.64
CA CYS E 52 1.35 -35.62 1.02
C CYS E 52 0.58 -35.13 -0.21
N ILE E 53 1.30 -34.68 -1.25
CA ILE E 53 0.64 -34.27 -2.48
C ILE E 53 -0.10 -35.44 -3.10
N GLU E 54 0.40 -36.64 -2.88
CA GLU E 54 -0.08 -37.84 -3.54
C GLU E 54 -1.26 -38.44 -2.81
N ARG E 55 -1.11 -38.62 -1.49
CA ARG E 55 -2.24 -39.05 -0.67
C ARG E 55 -3.38 -38.07 -0.80
N GLY E 56 -3.08 -36.77 -0.72
CA GLY E 56 -4.13 -35.76 -0.72
C GLY E 56 -5.05 -35.89 -1.91
N ALA E 57 -4.47 -35.91 -3.12
CA ALA E 57 -5.28 -36.10 -4.31
C ALA E 57 -6.02 -37.43 -4.27
N GLU E 58 -5.35 -38.48 -3.78
CA GLU E 58 -5.90 -39.84 -3.87
C GLU E 58 -7.12 -39.99 -2.96
N MET E 59 -6.98 -39.57 -1.70
CA MET E 59 -8.10 -39.61 -0.77
C MET E 59 -9.27 -38.74 -1.22
N ALA E 60 -8.98 -37.64 -1.92
CA ALA E 60 -10.05 -36.79 -2.43
C ALA E 60 -10.82 -37.48 -3.55
N GLN E 61 -10.09 -38.02 -4.55
CA GLN E 61 -10.75 -38.84 -5.57
C GLN E 61 -11.56 -39.95 -4.93
N SER E 62 -10.99 -40.64 -3.95
CA SER E 62 -11.74 -41.71 -3.29
C SER E 62 -12.99 -41.17 -2.61
N TYR E 63 -12.90 -40.00 -1.97
CA TYR E 63 -14.07 -39.40 -1.32
C TYR E 63 -15.20 -39.18 -2.32
N ALA E 64 -14.89 -38.64 -3.49
CA ALA E 64 -15.91 -38.27 -4.45
C ALA E 64 -16.49 -39.48 -5.17
N ARG E 65 -15.67 -40.49 -5.47
CA ARG E 65 -16.23 -41.74 -5.98
C ARG E 65 -17.23 -42.30 -5.00
N ILE E 66 -16.84 -42.41 -3.72
CA ILE E 66 -17.70 -43.02 -2.72
C ILE E 66 -18.94 -42.18 -2.48
N MET E 67 -18.81 -40.86 -2.56
CA MET E 67 -19.96 -40.00 -2.37
C MET E 67 -20.72 -39.73 -3.66
N ASN E 68 -20.18 -40.21 -4.78
CA ASN E 68 -20.83 -40.05 -6.07
C ASN E 68 -21.07 -38.58 -6.35
N ILE E 69 -20.15 -37.75 -5.91
CA ILE E 69 -20.20 -36.33 -6.22
C ILE E 69 -19.94 -36.14 -7.72
N LYS E 70 -20.88 -35.51 -8.39
CA LYS E 70 -20.76 -35.28 -9.82
C LYS E 70 -19.63 -34.30 -10.12
N LEU E 71 -18.75 -34.67 -11.05
CA LEU E 71 -17.58 -33.89 -11.41
C LEU E 71 -17.80 -33.13 -12.73
N GLU E 72 -16.76 -32.40 -13.14
CA GLU E 72 -16.81 -31.55 -14.33
C GLU E 72 -18.06 -30.66 -14.34
N THR F 11 -20.37 -27.64 25.75
CA THR F 11 -21.41 -28.38 25.04
C THR F 11 -22.36 -27.39 24.39
N TYR F 12 -22.51 -26.24 25.07
CA TYR F 12 -23.19 -25.06 24.54
C TYR F 12 -22.49 -24.47 23.33
N SER F 13 -21.42 -25.10 22.84
CA SER F 13 -20.53 -24.44 21.89
C SER F 13 -21.22 -24.17 20.56
N GLU F 14 -21.88 -25.19 19.98
CA GLU F 14 -22.53 -24.95 18.70
C GLU F 14 -23.65 -23.93 18.82
N ILE F 15 -24.36 -23.95 19.96
CA ILE F 15 -25.46 -23.02 20.18
C ILE F 15 -24.96 -21.59 20.19
N ILE F 16 -23.76 -21.38 20.72
CA ILE F 16 -23.22 -20.02 20.81
C ILE F 16 -22.48 -19.62 19.53
N GLU F 17 -21.84 -20.55 18.84
CA GLU F 17 -21.26 -20.20 17.54
C GLU F 17 -22.35 -19.77 16.58
N LYS F 18 -23.41 -20.58 16.47
CA LYS F 18 -24.54 -20.22 15.61
C LYS F 18 -25.14 -18.88 16.00
N GLU F 19 -25.11 -18.54 17.28
CA GLU F 19 -25.74 -17.30 17.74
C GLU F 19 -24.87 -16.08 17.45
N ARG F 20 -23.56 -16.23 17.65
CA ARG F 20 -22.62 -15.16 17.36
C ARG F 20 -22.48 -14.93 15.86
N THR F 21 -22.38 -16.02 15.12
CA THR F 21 -22.30 -15.95 13.66
C THR F 21 -23.50 -15.22 13.08
N ALA F 22 -24.67 -15.49 13.65
CA ALA F 22 -25.90 -14.82 13.22
C ALA F 22 -25.76 -13.31 13.32
N ARG F 23 -25.22 -12.83 14.43
CA ARG F 23 -24.99 -11.41 14.63
C ARG F 23 -23.94 -10.87 13.66
N PHE F 24 -22.93 -11.68 13.32
CA PHE F 24 -21.94 -11.20 12.35
C PHE F 24 -22.54 -11.05 10.97
N GLU F 25 -23.56 -11.84 10.63
CA GLU F 25 -24.28 -11.63 9.37
C GLU F 25 -25.13 -10.37 9.45
N SER F 26 -25.64 -10.03 10.63
CA SER F 26 -26.37 -8.80 10.80
C SER F 26 -25.51 -7.62 10.42
N VAL F 27 -24.37 -7.48 11.09
CA VAL F 27 -23.49 -6.35 10.84
C VAL F 27 -22.98 -6.33 9.41
N ALA F 28 -22.66 -7.51 8.85
CA ALA F 28 -22.19 -7.59 7.46
C ALA F 28 -23.16 -6.92 6.50
N LEU F 29 -24.46 -7.13 6.72
CA LEU F 29 -25.45 -6.48 5.88
C LEU F 29 -25.52 -4.98 6.14
N GLU F 30 -25.46 -4.58 7.40
CA GLU F 30 -25.44 -3.15 7.72
C GLU F 30 -24.31 -2.44 7.00
N GLN F 31 -23.08 -2.90 7.20
CA GLN F 31 -21.94 -2.21 6.58
C GLN F 31 -22.02 -2.28 5.06
N LEU F 32 -22.46 -3.42 4.52
CA LEU F 32 -22.41 -3.56 3.07
C LEU F 32 -23.30 -2.53 2.40
N GLN F 33 -24.52 -2.36 2.90
CA GLN F 33 -25.42 -1.37 2.32
C GLN F 33 -24.79 0.01 2.40
N ILE F 34 -24.15 0.33 3.51
CA ILE F 34 -23.39 1.58 3.63
C ILE F 34 -22.29 1.64 2.58
N VAL F 35 -21.51 0.56 2.44
CA VAL F 35 -20.41 0.54 1.48
C VAL F 35 -20.93 0.70 0.06
N HIS F 36 -22.02 0.01 -0.26
CA HIS F 36 -22.53 -0.02 -1.62
C HIS F 36 -23.15 1.32 -2.03
N ILE F 37 -23.85 1.98 -1.10
CA ILE F 37 -24.48 3.27 -1.41
C ILE F 37 -23.41 4.32 -1.67
N SER F 38 -22.42 4.42 -0.78
CA SER F 38 -21.48 5.52 -0.92
C SER F 38 -20.40 5.23 -1.95
N SER F 39 -20.16 3.96 -2.29
CA SER F 39 -19.25 3.68 -3.40
C SER F 39 -19.91 3.83 -4.76
N GLU F 40 -21.24 3.79 -4.83
CA GLU F 40 -21.95 3.81 -6.10
C GLU F 40 -21.46 2.70 -7.03
N ALA F 41 -21.10 1.56 -6.46
CA ALA F 41 -20.71 0.42 -7.27
C ALA F 41 -21.93 -0.25 -7.88
N ASP F 42 -21.70 -1.07 -8.89
CA ASP F 42 -22.81 -1.84 -9.47
C ASP F 42 -23.07 -3.14 -8.72
N PHE F 43 -22.05 -3.69 -8.04
CA PHE F 43 -22.26 -4.92 -7.27
C PHE F 43 -21.20 -5.01 -6.18
N SER F 44 -21.65 -5.17 -4.94
CA SER F 44 -20.80 -5.26 -3.76
C SER F 44 -21.08 -6.56 -3.02
N ALA F 45 -20.04 -7.12 -2.37
CA ALA F 45 -20.19 -8.36 -1.62
C ALA F 45 -19.23 -8.40 -0.42
N VAL F 46 -19.68 -9.05 0.66
CA VAL F 46 -18.79 -9.44 1.75
C VAL F 46 -18.43 -10.91 1.57
N TYR F 47 -17.14 -11.20 1.44
CA TYR F 47 -16.61 -12.55 1.40
C TYR F 47 -16.05 -12.92 2.76
N SER F 48 -16.31 -14.16 3.22
CA SER F 48 -15.70 -14.66 4.46
C SER F 48 -15.09 -16.03 4.21
N PHE F 49 -13.91 -16.26 4.80
CA PHE F 49 -13.18 -17.51 4.63
C PHE F 49 -13.64 -18.56 5.63
N ARG F 50 -13.43 -19.82 5.25
CA ARG F 50 -13.56 -20.97 6.13
C ARG F 50 -12.54 -22.00 5.71
N PRO F 51 -12.03 -22.81 6.64
CA PRO F 51 -12.36 -22.71 8.06
C PRO F 51 -11.57 -21.57 8.68
N LYS F 52 -11.87 -21.30 9.94
CA LYS F 52 -11.05 -20.43 10.77
C LYS F 52 -9.57 -20.69 10.52
N ASN F 53 -8.81 -19.62 10.29
CA ASN F 53 -7.35 -19.63 10.23
C ASN F 53 -6.77 -20.38 9.03
N LEU F 54 -7.57 -21.16 8.34
CA LEU F 54 -7.05 -21.92 7.22
C LEU F 54 -7.42 -21.32 5.87
N ASN F 55 -8.61 -20.73 5.77
CA ASN F 55 -9.02 -20.03 4.56
C ASN F 55 -8.82 -20.90 3.33
N TYR F 56 -9.37 -22.12 3.36
CA TYR F 56 -9.40 -22.94 2.16
C TYR F 56 -10.58 -22.57 1.27
N PHE F 57 -11.69 -22.16 1.89
CA PHE F 57 -12.96 -21.90 1.22
C PHE F 57 -13.43 -20.47 1.49
N VAL F 58 -14.02 -19.85 0.47
CA VAL F 58 -14.53 -18.48 0.50
C VAL F 58 -16.02 -18.50 0.18
N ASP F 59 -16.81 -17.78 0.97
CA ASP F 59 -18.25 -17.68 0.71
C ASP F 59 -18.64 -16.22 0.48
N ILE F 60 -19.60 -16.00 -0.41
CA ILE F 60 -20.29 -14.72 -0.40
C ILE F 60 -21.37 -14.79 0.66
N ILE F 61 -21.22 -13.98 1.69
CA ILE F 61 -22.19 -14.06 2.76
C ILE F 61 -23.22 -12.93 2.64
N ALA F 62 -22.93 -11.89 1.87
CA ALA F 62 -23.93 -10.86 1.61
C ALA F 62 -23.50 -10.08 0.38
N TYR F 63 -24.43 -9.82 -0.52
CA TYR F 63 -24.13 -8.97 -1.64
C TYR F 63 -25.19 -7.86 -1.80
N GLU F 64 -24.84 -6.84 -2.58
CA GLU F 64 -25.76 -5.79 -2.99
C GLU F 64 -25.59 -5.56 -4.47
N GLY F 65 -26.70 -5.33 -5.16
CA GLY F 65 -26.66 -4.99 -6.55
C GLY F 65 -26.89 -6.18 -7.46
N LYS F 66 -26.44 -6.01 -8.70
CA LYS F 66 -26.78 -6.88 -9.82
C LYS F 66 -25.73 -7.98 -9.94
N LEU F 67 -26.13 -9.23 -9.69
CA LEU F 67 -25.22 -10.36 -9.80
C LEU F 67 -24.57 -10.38 -11.19
N PRO F 68 -23.26 -10.44 -11.27
CA PRO F 68 -22.64 -10.69 -12.58
C PRO F 68 -23.16 -12.01 -13.16
N SER F 69 -23.23 -12.06 -14.49
CA SER F 69 -23.82 -13.20 -15.16
C SER F 69 -23.02 -14.49 -14.98
N THR F 70 -21.75 -14.40 -14.59
CA THR F 70 -20.94 -15.61 -14.45
C THR F 70 -21.17 -16.32 -13.12
N ILE F 71 -21.74 -15.65 -12.12
CA ILE F 71 -22.10 -16.29 -10.87
C ILE F 71 -23.60 -16.25 -10.62
N SER F 72 -24.36 -15.81 -11.63
CA SER F 72 -25.81 -15.95 -11.59
C SER F 72 -26.22 -17.40 -11.50
N GLU F 73 -27.29 -17.67 -10.75
CA GLU F 73 -27.93 -18.97 -10.73
C GLU F 73 -26.97 -20.09 -10.32
N LYS F 74 -25.94 -19.77 -9.53
CA LYS F 74 -25.00 -20.74 -8.99
C LYS F 74 -24.91 -20.60 -7.48
N SER F 75 -24.47 -21.68 -6.83
CA SER F 75 -24.13 -21.57 -5.42
C SER F 75 -23.02 -20.54 -5.23
N LEU F 76 -23.16 -19.73 -4.19
CA LEU F 76 -22.18 -18.69 -3.92
C LEU F 76 -21.32 -19.04 -2.71
N GLY F 77 -21.41 -20.27 -2.21
CA GLY F 77 -20.62 -20.71 -1.07
C GLY F 77 -19.62 -21.80 -1.43
N GLY F 78 -18.52 -21.84 -0.67
CA GLY F 78 -17.59 -22.95 -0.76
C GLY F 78 -16.69 -22.97 -1.96
N TYR F 79 -16.40 -21.80 -2.56
CA TYR F 79 -15.40 -21.74 -3.61
C TYR F 79 -13.99 -21.83 -3.02
N PRO F 80 -13.06 -22.49 -3.72
CA PRO F 80 -11.72 -22.71 -3.16
C PRO F 80 -10.80 -21.50 -3.36
N VAL F 81 -10.10 -21.15 -2.29
CA VAL F 81 -9.16 -20.03 -2.33
C VAL F 81 -7.87 -20.46 -3.02
N ASP F 82 -7.44 -19.67 -3.99
CA ASP F 82 -6.07 -19.79 -4.50
C ASP F 82 -5.16 -18.74 -3.86
N LYS F 83 -4.42 -19.17 -2.83
CA LYS F 83 -3.63 -18.24 -2.03
C LYS F 83 -2.48 -17.64 -2.81
N THR F 84 -2.21 -18.13 -4.01
CA THR F 84 -1.19 -17.53 -4.85
C THR F 84 -1.69 -16.32 -5.62
N MET F 85 -2.98 -16.02 -5.58
CA MET F 85 -3.46 -14.83 -6.27
C MET F 85 -2.89 -13.60 -5.60
N ASP F 86 -2.62 -12.59 -6.41
CA ASP F 86 -2.00 -11.37 -5.87
C ASP F 86 -2.81 -10.80 -4.72
N GLU F 87 -4.14 -10.82 -4.86
CA GLU F 87 -4.99 -10.15 -3.88
C GLU F 87 -4.84 -10.79 -2.50
N TYR F 88 -4.74 -12.12 -2.43
CA TYR F 88 -4.52 -12.78 -1.15
C TYR F 88 -3.24 -12.27 -0.49
N THR F 89 -2.14 -12.19 -1.27
CA THR F 89 -0.84 -11.76 -0.75
C THR F 89 -0.78 -10.25 -0.49
N VAL F 90 -1.52 -9.44 -1.25
CA VAL F 90 -1.54 -8.00 -0.99
C VAL F 90 -2.35 -7.69 0.26
N HIS F 91 -3.46 -8.40 0.44
CA HIS F 91 -4.23 -8.28 1.67
C HIS F 91 -3.43 -8.72 2.89
N LEU F 92 -2.69 -9.83 2.76
CA LEU F 92 -1.84 -10.29 3.87
C LEU F 92 -0.80 -9.25 4.23
N ASN F 93 -0.35 -8.47 3.24
CA ASN F 93 0.55 -7.35 3.49
C ASN F 93 -0.19 -6.10 3.94
N GLY F 94 -1.49 -6.20 4.20
CA GLY F 94 -2.23 -5.11 4.81
C GLY F 94 -2.56 -3.93 3.92
N ARG F 95 -2.50 -4.09 2.59
CA ARG F 95 -2.84 -3.03 1.66
C ARG F 95 -4.08 -3.40 0.84
N HIS F 96 -4.92 -2.40 0.57
CA HIS F 96 -6.08 -2.59 -0.30
C HIS F 96 -5.64 -3.08 -1.68
N TYR F 97 -6.52 -3.83 -2.35
CA TYR F 97 -6.25 -4.38 -3.66
C TYR F 97 -7.25 -3.90 -4.71
N TYR F 98 -6.78 -3.72 -5.94
CA TYR F 98 -7.68 -3.32 -7.02
C TYR F 98 -7.13 -3.91 -8.31
N SER F 99 -8.02 -4.14 -9.28
CA SER F 99 -7.62 -4.77 -10.54
C SER F 99 -8.68 -4.51 -11.60
N ASN F 100 -8.31 -4.79 -12.86
CA ASN F 100 -9.24 -4.71 -14.00
C ASN F 100 -9.61 -6.09 -14.55
N SER F 101 -9.08 -7.18 -14.00
CA SER F 101 -9.43 -8.50 -14.54
C SER F 101 -9.26 -9.65 -13.57
N LYS F 102 -8.56 -9.46 -12.46
CA LYS F 102 -8.29 -10.54 -11.52
C LYS F 102 -9.34 -10.53 -10.42
N PHE F 103 -10.15 -11.57 -10.35
CA PHE F 103 -11.23 -11.65 -9.36
C PHE F 103 -11.09 -12.94 -8.54
N ALA F 104 -10.12 -12.91 -7.61
CA ALA F 104 -9.65 -14.12 -6.94
C ALA F 104 -10.78 -14.92 -6.34
N PHE F 105 -11.64 -14.27 -5.57
CA PHE F 105 -12.64 -14.96 -4.77
C PHE F 105 -14.01 -15.00 -5.44
N LEU F 106 -14.18 -14.35 -6.59
CA LEU F 106 -15.41 -14.46 -7.38
C LEU F 106 -15.65 -15.93 -7.75
N PRO F 107 -16.83 -16.53 -7.41
CA PRO F 107 -16.94 -18.01 -7.48
C PRO F 107 -17.18 -18.53 -8.89
N THR F 108 -16.28 -18.21 -9.80
CA THR F 108 -16.33 -18.77 -11.15
C THR F 108 -14.94 -19.01 -11.65
N LYS F 109 -14.84 -19.92 -12.62
CA LYS F 109 -13.62 -20.14 -13.38
C LYS F 109 -13.58 -19.35 -14.68
N LYS F 110 -14.71 -18.80 -15.12
CA LYS F 110 -14.79 -18.02 -16.35
C LYS F 110 -14.23 -16.61 -16.11
N PRO F 111 -13.80 -15.91 -17.16
CA PRO F 111 -13.07 -14.66 -16.95
C PRO F 111 -13.90 -13.38 -16.91
N THR F 112 -15.23 -13.48 -16.72
CA THR F 112 -16.14 -12.34 -16.48
C THR F 112 -15.71 -11.00 -17.10
N PRO F 113 -15.60 -10.87 -18.43
CA PRO F 113 -15.18 -9.58 -19.01
C PRO F 113 -16.18 -8.44 -18.82
N GLU F 114 -17.37 -8.68 -18.24
CA GLU F 114 -18.29 -7.56 -18.04
C GLU F 114 -17.89 -6.64 -16.90
N ILE F 115 -17.16 -7.14 -15.89
CA ILE F 115 -16.64 -6.27 -14.84
C ILE F 115 -15.36 -5.66 -15.34
N ASN F 116 -15.24 -4.34 -15.24
CA ASN F 116 -14.01 -3.70 -15.67
C ASN F 116 -13.28 -2.98 -14.55
N TYR F 117 -13.62 -3.25 -13.29
CA TYR F 117 -12.87 -2.78 -12.13
C TYR F 117 -13.40 -3.41 -10.85
N MET F 118 -12.49 -3.84 -9.99
CA MET F 118 -12.83 -4.28 -8.65
C MET F 118 -11.91 -3.59 -7.66
N TYR F 119 -12.43 -3.39 -6.45
CA TYR F 119 -11.66 -2.86 -5.34
C TYR F 119 -11.98 -3.71 -4.12
N SER F 120 -10.95 -4.11 -3.38
CA SER F 120 -11.17 -4.95 -2.21
C SER F 120 -10.28 -4.48 -1.07
N CYS F 121 -10.77 -4.70 0.14
CA CYS F 121 -9.93 -4.58 1.33
C CYS F 121 -10.29 -5.71 2.27
N PRO F 122 -9.34 -6.15 3.09
CA PRO F 122 -9.59 -7.25 4.01
C PRO F 122 -10.07 -6.73 5.35
N TYR F 123 -10.84 -7.59 6.04
CA TYR F 123 -11.12 -7.41 7.45
C TYR F 123 -10.50 -8.55 8.26
N PHE F 124 -10.21 -8.25 9.51
CA PHE F 124 -9.53 -9.19 10.38
C PHE F 124 -10.38 -9.34 11.63
N ASN F 125 -10.59 -10.58 12.06
CA ASN F 125 -11.55 -10.83 13.12
C ASN F 125 -10.99 -10.37 14.46
N LEU F 126 -11.79 -10.55 15.53
CA LEU F 126 -11.38 -10.19 16.87
C LEU F 126 -10.14 -10.95 17.33
N ASP F 127 -9.72 -11.99 16.62
CA ASP F 127 -8.49 -12.71 16.90
C ASP F 127 -7.37 -12.34 15.94
N ASN F 128 -7.63 -11.40 15.02
CA ASN F 128 -6.64 -10.77 14.14
C ASN F 128 -6.12 -11.74 13.07
N ILE F 129 -7.02 -12.50 12.48
CA ILE F 129 -6.69 -13.37 11.37
C ILE F 129 -7.47 -12.91 10.14
N TYR F 130 -6.81 -12.95 9.00
CA TYR F 130 -7.40 -12.63 7.71
C TYR F 130 -8.64 -13.50 7.55
N ALA F 131 -9.81 -12.88 7.65
CA ALA F 131 -11.09 -13.57 7.69
C ALA F 131 -11.95 -13.36 6.45
N GLY F 132 -11.56 -12.51 5.51
CA GLY F 132 -12.40 -12.26 4.35
C GLY F 132 -12.22 -10.85 3.81
N THR F 133 -13.11 -10.48 2.89
CA THR F 133 -13.01 -9.22 2.14
C THR F 133 -14.36 -8.52 2.00
N ILE F 134 -14.29 -7.18 1.89
CA ILE F 134 -15.35 -6.31 1.38
C ILE F 134 -14.91 -5.84 -0.01
N THR F 135 -15.75 -6.06 -1.03
CA THR F 135 -15.33 -5.86 -2.41
C THR F 135 -16.45 -5.24 -3.24
N MET F 136 -16.07 -4.24 -4.06
CA MET F 136 -16.98 -3.49 -4.91
C MET F 136 -16.65 -3.74 -6.38
N TYR F 137 -17.69 -3.78 -7.23
CA TYR F 137 -17.53 -4.21 -8.63
C TYR F 137 -18.26 -3.25 -9.57
N TRP F 138 -17.55 -2.81 -10.61
CA TRP F 138 -18.11 -1.88 -11.58
C TRP F 138 -18.27 -2.53 -12.95
N TYR F 139 -19.50 -2.43 -13.49
CA TYR F 139 -19.76 -2.66 -14.91
C TYR F 139 -19.83 -1.39 -15.74
N ARG F 140 -19.99 -0.22 -15.11
CA ARG F 140 -20.08 1.09 -15.76
C ARG F 140 -18.69 1.65 -16.00
N ASN F 141 -18.62 2.69 -16.83
CA ASN F 141 -17.34 3.28 -17.19
C ASN F 141 -16.88 4.38 -16.24
N ASP F 142 -17.60 4.63 -15.14
CA ASP F 142 -17.29 5.71 -14.19
C ASP F 142 -17.15 5.15 -12.78
N HIS F 143 -16.10 5.58 -12.07
CA HIS F 143 -15.82 5.10 -10.72
C HIS F 143 -15.28 6.26 -9.90
N ILE F 144 -15.68 6.34 -8.63
CA ILE F 144 -15.06 7.32 -7.76
C ILE F 144 -13.62 6.91 -7.48
N SER F 145 -12.84 7.85 -6.98
CA SER F 145 -11.40 7.69 -6.90
C SER F 145 -11.02 6.59 -5.92
N ASN F 146 -9.79 6.10 -6.07
CA ASN F 146 -9.26 5.17 -5.10
C ASN F 146 -9.27 5.76 -3.70
N ASP F 147 -9.03 7.07 -3.59
CA ASP F 147 -8.90 7.66 -2.25
C ASP F 147 -10.24 7.68 -1.53
N ARG F 148 -11.36 7.69 -2.26
CA ARG F 148 -12.63 7.66 -1.54
C ARG F 148 -13.01 6.22 -1.16
N LEU F 149 -12.71 5.25 -2.02
CA LEU F 149 -12.98 3.85 -1.71
C LEU F 149 -12.04 3.33 -0.64
N GLU F 150 -10.82 3.87 -0.59
CA GLU F 150 -9.91 3.55 0.50
C GLU F 150 -10.60 3.82 1.83
N SER F 151 -11.02 5.07 2.00
CA SER F 151 -11.72 5.49 3.21
C SER F 151 -13.02 4.74 3.39
N ILE F 152 -13.77 4.53 2.30
CA ILE F 152 -15.06 3.88 2.44
C ILE F 152 -14.90 2.47 3.02
N CYS F 153 -14.09 1.64 2.40
CA CYS F 153 -14.14 0.29 2.94
C CYS F 153 -13.22 0.12 4.15
N ALA F 154 -12.35 1.09 4.43
CA ALA F 154 -11.56 1.03 5.66
C ALA F 154 -12.45 1.17 6.88
N GLN F 155 -13.40 2.11 6.87
CA GLN F 155 -14.35 2.22 7.99
C GLN F 155 -15.17 0.94 8.15
N ALA F 156 -15.64 0.37 7.04
CA ALA F 156 -16.35 -0.90 7.12
C ALA F 156 -15.46 -2.04 7.61
N ALA F 157 -14.21 -2.11 7.13
CA ALA F 157 -13.34 -3.20 7.55
C ALA F 157 -13.14 -3.18 9.06
N ARG F 158 -12.92 -1.99 9.62
CA ARG F 158 -12.71 -1.90 11.06
C ARG F 158 -13.98 -2.24 11.81
N ILE F 159 -15.14 -2.01 11.22
CA ILE F 159 -16.37 -2.42 11.90
C ILE F 159 -16.55 -3.93 11.78
N LEU F 160 -16.23 -4.50 10.61
CA LEU F 160 -16.38 -5.94 10.42
C LEU F 160 -15.44 -6.68 11.37
N GLY F 161 -14.21 -6.19 11.48
CA GLY F 161 -13.26 -6.82 12.35
C GLY F 161 -13.57 -6.75 13.82
N ARG F 162 -14.59 -5.99 14.23
CA ARG F 162 -14.95 -5.88 15.64
C ARG F 162 -16.17 -6.72 16.02
N ALA F 163 -16.88 -7.27 15.04
CA ALA F 163 -18.16 -7.96 15.23
C ALA F 163 -18.01 -9.48 15.26
N LYS F 164 -16.78 -9.99 15.18
CA LYS F 164 -16.43 -11.41 14.97
C LYS F 164 -17.51 -12.48 15.20
N MET G 1 2.17 -16.51 8.56
CA MET G 1 0.90 -16.42 9.30
C MET G 1 -0.22 -15.80 8.43
N ASN G 2 -1.47 -16.07 8.85
CA ASN G 2 -2.67 -15.50 8.24
C ASN G 2 -3.11 -14.24 8.96
N VAL G 3 -2.18 -13.49 9.51
CA VAL G 3 -2.46 -12.60 10.61
C VAL G 3 -2.39 -11.16 10.12
N ASP G 4 -3.29 -10.32 10.63
CA ASP G 4 -3.25 -8.90 10.32
C ASP G 4 -1.82 -8.43 10.56
N PRO G 5 -1.08 -8.11 9.50
CA PRO G 5 0.32 -7.69 9.69
C PRO G 5 0.44 -6.44 10.50
N HIS G 6 -0.61 -5.61 10.57
CA HIS G 6 -0.49 -4.37 11.32
C HIS G 6 -0.57 -4.62 12.82
N PHE G 7 -1.57 -5.37 13.27
CA PHE G 7 -1.62 -5.77 14.67
C PHE G 7 -0.36 -6.52 15.07
N ASP G 8 0.19 -7.34 14.16
CA ASP G 8 1.33 -8.20 14.48
C ASP G 8 2.59 -7.38 14.80
N LYS G 9 2.87 -6.35 14.00
CA LYS G 9 3.99 -5.47 14.33
C LYS G 9 3.73 -4.73 15.63
N PHE G 10 2.48 -4.26 15.81
CA PHE G 10 2.09 -3.50 17.00
C PHE G 10 2.22 -4.33 18.29
N MET G 11 1.90 -5.62 18.21
CA MET G 11 2.04 -6.48 19.38
C MET G 11 3.51 -6.86 19.60
N GLU G 12 4.23 -7.22 18.53
CA GLU G 12 5.61 -7.68 18.67
C GLU G 12 6.53 -6.56 19.18
N SER G 13 6.36 -5.34 18.66
CA SER G 13 7.04 -4.19 19.24
C SER G 13 6.72 -4.06 20.74
N GLY G 14 5.44 -4.13 21.09
CA GLY G 14 5.05 -4.03 22.49
C GLY G 14 5.67 -5.11 23.38
N ILE G 15 5.68 -6.35 22.90
CA ILE G 15 6.24 -7.42 23.71
C ILE G 15 7.75 -7.24 23.87
N ARG G 16 8.45 -6.96 22.77
CA ARG G 16 9.90 -6.97 22.77
C ARG G 16 10.52 -5.72 23.42
N HIS G 17 9.78 -4.62 23.52
CA HIS G 17 10.28 -3.41 24.16
C HIS G 17 9.77 -3.21 25.59
N VAL G 18 8.63 -3.78 25.94
CA VAL G 18 8.04 -3.58 27.25
C VAL G 18 7.81 -4.91 27.97
N TYR G 19 7.10 -5.85 27.33
CA TYR G 19 6.82 -7.12 27.98
C TYR G 19 8.10 -7.93 28.20
N MET G 20 9.08 -7.83 27.29
CA MET G 20 10.38 -8.48 27.37
C MET G 20 11.21 -7.95 28.53
N LEU G 21 10.55 -7.62 29.65
CA LEU G 21 11.16 -6.88 30.75
C LEU G 21 10.28 -6.96 32.01
N PHE G 22 9.04 -7.42 31.85
CA PHE G 22 8.24 -7.80 33.00
C PHE G 22 8.95 -8.89 33.79
N GLU G 23 9.43 -8.61 34.98
CA GLU G 23 9.96 -9.71 35.80
C GLU G 23 8.87 -10.36 36.65
N ASN G 24 7.68 -10.46 36.03
CA ASN G 24 6.44 -10.96 36.61
C ASN G 24 5.71 -11.83 35.60
N LYS G 25 6.40 -12.27 34.54
CA LYS G 25 5.76 -13.01 33.47
C LYS G 25 5.04 -14.23 34.03
N SER G 26 3.76 -14.35 33.67
CA SER G 26 2.95 -15.47 34.10
C SER G 26 1.84 -15.66 33.08
N VAL G 27 1.00 -16.69 33.28
CA VAL G 27 -0.10 -16.90 32.36
C VAL G 27 -1.06 -15.72 32.44
N GLU G 28 -1.28 -15.20 33.65
CA GLU G 28 -2.28 -14.14 33.75
C GLU G 28 -1.76 -12.81 33.23
N SER G 29 -0.50 -12.47 33.50
CA SER G 29 0.04 -11.21 33.00
C SER G 29 0.11 -11.18 31.48
N SER G 30 0.26 -12.34 30.84
CA SER G 30 0.26 -12.37 29.38
C SER G 30 -1.14 -12.24 28.81
N GLU G 31 -2.18 -12.76 29.49
CA GLU G 31 -3.53 -12.56 29.00
C GLU G 31 -3.95 -11.11 29.17
N GLN G 32 -3.64 -10.53 30.34
CA GLN G 32 -4.01 -9.14 30.59
C GLN G 32 -3.33 -8.22 29.60
N PHE G 33 -2.04 -8.41 29.40
CA PHE G 33 -1.28 -7.60 28.45
C PHE G 33 -1.83 -7.73 27.03
N TYR G 34 -2.08 -8.96 26.58
CA TYR G 34 -2.58 -9.15 25.22
C TYR G 34 -4.02 -8.65 25.08
N SER G 35 -4.85 -8.86 26.10
CA SER G 35 -6.23 -8.38 26.04
C SER G 35 -6.27 -6.85 25.95
N PHE G 36 -5.35 -6.18 26.64
CA PHE G 36 -5.28 -4.73 26.55
C PHE G 36 -4.79 -4.29 25.17
N MET G 37 -3.75 -4.92 24.65
CA MET G 37 -3.24 -4.47 23.36
C MET G 37 -4.23 -4.81 22.24
N ARG G 38 -4.93 -5.93 22.34
CA ARG G 38 -5.87 -6.26 21.29
C ARG G 38 -7.00 -5.25 21.23
N THR G 39 -7.47 -4.82 22.39
CA THR G 39 -8.56 -3.86 22.46
C THR G 39 -8.13 -2.47 22.00
N THR G 40 -6.87 -2.09 22.27
CA THR G 40 -6.42 -0.77 21.84
C THR G 40 -6.20 -0.73 20.34
N TYR G 41 -5.51 -1.74 19.80
CA TYR G 41 -5.34 -1.82 18.35
C TYR G 41 -6.70 -1.76 17.65
N LYS G 42 -7.65 -2.56 18.13
CA LYS G 42 -8.96 -2.63 17.49
C LYS G 42 -9.78 -1.36 17.69
N ASN G 43 -9.59 -0.70 18.84
CA ASN G 43 -10.31 0.56 19.08
C ASN G 43 -9.97 1.59 18.02
N ASP G 44 -8.74 1.57 17.51
CA ASP G 44 -8.43 2.24 16.26
C ASP G 44 -7.04 1.83 15.80
N PRO G 45 -6.94 1.22 14.62
CA PRO G 45 -5.70 0.55 14.22
C PRO G 45 -4.67 1.43 13.55
N CYS G 46 -3.41 1.13 13.83
CA CYS G 46 -2.31 1.69 13.07
C CYS G 46 -2.31 1.12 11.66
N SER G 47 -1.68 1.87 10.74
CA SER G 47 -1.85 1.63 9.31
C SER G 47 -0.55 1.46 8.54
N SER G 48 0.61 1.47 9.19
CA SER G 48 1.86 1.36 8.46
C SER G 48 2.91 0.72 9.36
N ASP G 49 4.01 0.30 8.75
CA ASP G 49 5.08 -0.40 9.48
C ASP G 49 5.70 0.48 10.55
N PHE G 50 5.93 1.76 10.24
CA PHE G 50 6.58 2.63 11.22
C PHE G 50 5.63 3.06 12.31
N GLU G 51 4.40 3.42 11.94
CA GLU G 51 3.39 3.76 12.94
C GLU G 51 3.14 2.60 13.89
N CYS G 52 3.15 1.37 13.36
CA CYS G 52 2.74 0.23 14.17
C CYS G 52 3.80 -0.11 15.22
N ILE G 53 5.04 -0.39 14.78
CA ILE G 53 6.14 -0.55 15.73
C ILE G 53 6.07 0.51 16.81
N GLU G 54 5.74 1.73 16.41
CA GLU G 54 5.78 2.88 17.29
C GLU G 54 4.64 2.89 18.31
N ARG G 55 3.39 2.90 17.84
CA ARG G 55 2.27 2.92 18.76
C ARG G 55 2.27 1.71 19.70
N GLY G 56 2.93 0.62 19.31
CA GLY G 56 2.94 -0.59 20.09
C GLY G 56 3.73 -0.43 21.36
N ALA G 57 5.00 -0.05 21.24
CA ALA G 57 5.84 0.18 22.41
C ALA G 57 5.19 1.21 23.33
N GLU G 58 4.72 2.30 22.74
CA GLU G 58 4.05 3.36 23.48
C GLU G 58 2.93 2.78 24.32
N MET G 59 1.90 2.25 23.64
CA MET G 59 0.73 1.71 24.31
C MET G 59 1.08 0.62 25.31
N ALA G 60 2.17 -0.11 25.07
CA ALA G 60 2.57 -1.14 26.03
C ALA G 60 3.15 -0.50 27.28
N GLN G 61 4.03 0.49 27.13
CA GLN G 61 4.51 1.21 28.31
C GLN G 61 3.37 1.94 28.99
N SER G 62 2.42 2.48 28.21
CA SER G 62 1.19 3.00 28.80
C SER G 62 0.48 1.96 29.65
N TYR G 63 0.47 0.69 29.20
CA TYR G 63 -0.05 -0.38 30.04
C TYR G 63 0.75 -0.51 31.34
N ALA G 64 2.08 -0.41 31.24
CA ALA G 64 2.93 -0.39 32.43
C ALA G 64 2.62 0.79 33.33
N ARG G 65 2.59 2.01 32.78
CA ARG G 65 2.40 3.20 33.59
C ARG G 65 1.01 3.26 34.22
N ILE G 66 0.34 2.11 34.38
CA ILE G 66 -0.93 2.04 35.10
C ILE G 66 -0.85 0.99 36.19
N MET G 67 -0.31 -0.18 35.86
CA MET G 67 -0.16 -1.26 36.82
C MET G 67 1.32 -1.59 37.05
N ASN G 68 2.15 -0.60 36.77
CA ASN G 68 3.53 -0.56 37.20
C ASN G 68 4.06 -1.95 37.53
N ILE G 69 5.17 -2.32 36.90
CA ILE G 69 5.78 -3.63 37.11
C ILE G 69 7.30 -3.57 36.96
N LYS G 70 7.77 -3.82 35.74
CA LYS G 70 9.19 -3.80 35.46
C LYS G 70 9.99 -4.53 36.54
N LYS H 8 -21.38 -10.41 25.75
CA LYS H 8 -21.83 -11.59 26.47
C LYS H 8 -21.20 -12.86 25.89
N TYR H 9 -21.35 -13.08 24.59
CA TYR H 9 -20.87 -14.29 23.96
C TYR H 9 -19.36 -14.51 24.12
N GLU H 10 -18.59 -13.42 24.16
CA GLU H 10 -17.18 -13.49 24.50
C GLU H 10 -16.97 -14.20 25.82
N THR H 11 -17.79 -13.88 26.82
CA THR H 11 -17.61 -14.42 28.15
C THR H 11 -17.93 -15.91 28.21
N TYR H 12 -19.08 -16.31 27.65
CA TYR H 12 -19.44 -17.72 27.56
C TYR H 12 -18.38 -18.52 26.80
N SER H 13 -17.70 -17.88 25.84
CA SER H 13 -16.78 -18.56 24.94
C SER H 13 -15.38 -18.72 25.52
N GLU H 14 -14.97 -17.83 26.41
CA GLU H 14 -13.71 -18.03 27.10
C GLU H 14 -13.81 -19.16 28.11
N ILE H 15 -14.97 -19.33 28.73
CA ILE H 15 -15.15 -20.36 29.73
C ILE H 15 -14.98 -21.73 29.08
N ILE H 16 -15.65 -21.93 27.96
CA ILE H 16 -15.59 -23.21 27.27
C ILE H 16 -14.14 -23.56 26.97
N GLU H 17 -13.38 -22.58 26.51
CA GLU H 17 -11.98 -22.76 26.17
C GLU H 17 -11.17 -23.18 27.38
N LYS H 18 -11.61 -22.75 28.56
CA LYS H 18 -10.94 -23.10 29.80
C LYS H 18 -11.15 -24.58 30.13
N GLU H 19 -12.40 -25.03 30.06
CA GLU H 19 -12.68 -26.45 30.21
C GLU H 19 -11.97 -27.29 29.17
N ARG H 20 -11.66 -26.70 28.00
CA ARG H 20 -11.01 -27.41 26.90
C ARG H 20 -9.54 -27.63 27.19
N THR H 21 -8.83 -26.57 27.58
CA THR H 21 -7.45 -26.76 28.01
C THR H 21 -7.39 -27.69 29.21
N ALA H 22 -8.44 -27.74 30.01
CA ALA H 22 -8.45 -28.58 31.21
C ALA H 22 -8.36 -30.06 30.85
N ARG H 23 -9.20 -30.53 29.94
CA ARG H 23 -9.06 -31.90 29.46
C ARG H 23 -7.72 -32.10 28.74
N PHE H 24 -7.34 -31.15 27.89
CA PHE H 24 -6.05 -31.24 27.21
C PHE H 24 -4.88 -31.28 28.18
N GLU H 25 -5.05 -30.72 29.38
CA GLU H 25 -4.01 -30.82 30.38
C GLU H 25 -3.87 -32.26 30.88
N SER H 26 -4.96 -33.00 30.95
CA SER H 26 -4.85 -34.35 31.49
C SER H 26 -4.31 -35.31 30.45
N VAL H 27 -4.58 -35.05 29.17
CA VAL H 27 -4.01 -35.83 28.09
C VAL H 27 -2.52 -35.51 27.92
N ALA H 28 -2.14 -34.25 28.11
CA ALA H 28 -0.71 -33.93 28.10
C ALA H 28 0.03 -34.68 29.20
N LEU H 29 -0.60 -34.86 30.35
CA LEU H 29 0.03 -35.57 31.45
C LEU H 29 0.33 -37.01 31.07
N GLU H 30 -0.69 -37.72 30.57
CA GLU H 30 -0.54 -39.13 30.26
C GLU H 30 0.56 -39.34 29.22
N GLN H 31 0.60 -38.51 28.18
CA GLN H 31 1.58 -38.70 27.11
C GLN H 31 2.98 -38.31 27.56
N LEU H 32 3.13 -37.19 28.26
CA LEU H 32 4.46 -36.78 28.70
C LEU H 32 5.09 -37.86 29.56
N GLN H 33 4.32 -38.46 30.47
CA GLN H 33 4.86 -39.56 31.27
C GLN H 33 5.33 -40.70 30.37
N ILE H 34 4.57 -41.00 29.32
CA ILE H 34 4.96 -42.08 28.41
C ILE H 34 6.20 -41.71 27.64
N VAL H 35 6.29 -40.45 27.25
CA VAL H 35 7.45 -39.93 26.53
C VAL H 35 8.68 -39.87 27.45
N HIS H 36 8.53 -39.30 28.63
CA HIS H 36 9.63 -39.21 29.58
C HIS H 36 10.25 -40.57 29.85
N ILE H 37 9.42 -41.55 30.24
CA ILE H 37 9.93 -42.86 30.64
C ILE H 37 10.66 -43.53 29.49
N SER H 38 10.00 -43.63 28.32
CA SER H 38 10.63 -44.39 27.25
C SER H 38 11.81 -43.67 26.63
N SER H 39 11.87 -42.34 26.72
CA SER H 39 13.04 -41.64 26.17
C SER H 39 14.22 -41.62 27.13
N GLU H 40 13.99 -41.85 28.42
CA GLU H 40 15.01 -41.75 29.48
C GLU H 40 15.58 -40.35 29.64
N ALA H 41 14.87 -39.30 29.21
CA ALA H 41 15.39 -37.94 29.44
C ALA H 41 15.48 -37.64 30.92
N ASP H 42 16.29 -36.63 31.24
CA ASP H 42 16.27 -36.07 32.58
C ASP H 42 15.10 -35.14 32.81
N PHE H 43 14.62 -34.47 31.76
CA PHE H 43 13.57 -33.46 31.94
C PHE H 43 12.81 -33.33 30.62
N SER H 44 11.51 -33.56 30.69
CA SER H 44 10.62 -33.48 29.55
C SER H 44 9.53 -32.47 29.88
N ALA H 45 9.07 -31.77 28.85
CA ALA H 45 8.02 -30.80 29.07
C ALA H 45 7.08 -30.72 27.86
N VAL H 46 5.86 -30.31 28.12
CA VAL H 46 4.89 -30.00 27.08
C VAL H 46 4.71 -28.49 27.08
N TYR H 47 5.11 -27.85 25.98
CA TYR H 47 4.94 -26.43 25.76
C TYR H 47 3.68 -26.15 24.95
N SER H 48 2.92 -25.12 25.34
CA SER H 48 1.69 -24.66 24.70
C SER H 48 1.84 -23.23 24.22
N PHE H 49 1.25 -22.90 23.09
CA PHE H 49 1.26 -21.51 22.64
C PHE H 49 -0.06 -20.83 22.95
N ARG H 50 0.04 -19.53 23.26
CA ARG H 50 -1.09 -18.67 23.49
C ARG H 50 -0.72 -17.35 22.84
N PRO H 51 -1.69 -16.66 22.23
CA PRO H 51 -3.05 -17.19 22.17
C PRO H 51 -3.17 -18.19 20.99
N LYS H 52 -4.31 -18.84 20.86
CA LYS H 52 -4.49 -19.86 19.82
C LYS H 52 -4.29 -19.27 18.43
N ASN H 53 -3.45 -19.93 17.63
CA ASN H 53 -3.11 -19.62 16.25
C ASN H 53 -2.32 -18.34 16.09
N LEU H 54 -1.90 -17.70 17.18
CA LEU H 54 -1.07 -16.50 17.12
C LEU H 54 0.26 -16.63 17.82
N ASN H 55 0.33 -17.40 18.92
CA ASN H 55 1.59 -17.92 19.43
C ASN H 55 2.58 -16.82 19.78
N TYR H 56 2.12 -15.81 20.49
CA TYR H 56 3.05 -14.86 21.07
C TYR H 56 3.65 -15.36 22.38
N PHE H 57 2.98 -16.27 23.09
CA PHE H 57 3.32 -16.71 24.44
C PHE H 57 3.45 -18.22 24.52
N VAL H 58 4.42 -18.70 25.30
CA VAL H 58 4.67 -20.13 25.44
C VAL H 58 4.65 -20.48 26.93
N ASP H 59 3.87 -21.51 27.28
CA ASP H 59 3.75 -22.02 28.65
C ASP H 59 4.24 -23.46 28.72
N ILE H 60 4.93 -23.81 29.80
CA ILE H 60 5.07 -25.22 30.14
C ILE H 60 3.81 -25.64 30.87
N ILE H 61 3.05 -26.56 30.28
CA ILE H 61 1.82 -26.96 30.93
C ILE H 61 1.99 -28.26 31.70
N ALA H 62 3.04 -29.03 31.42
CA ALA H 62 3.32 -30.23 32.17
C ALA H 62 4.79 -30.59 31.94
N TYR H 63 5.46 -31.01 33.00
CA TYR H 63 6.85 -31.42 32.85
C TYR H 63 7.11 -32.71 33.63
N GLU H 64 8.23 -33.37 33.31
CA GLU H 64 8.70 -34.54 34.05
C GLU H 64 10.20 -34.41 34.30
N GLY H 65 10.69 -35.15 35.32
CA GLY H 65 12.06 -34.95 35.79
C GLY H 65 12.16 -33.71 36.66
N LYS H 66 13.40 -33.25 36.89
CA LYS H 66 13.65 -32.14 37.80
C LYS H 66 13.99 -30.88 37.01
N LEU H 67 13.38 -29.76 37.40
CA LEU H 67 13.56 -28.51 36.70
C LEU H 67 15.03 -28.16 36.54
N PRO H 68 15.49 -27.80 35.34
CA PRO H 68 16.80 -27.17 35.20
C PRO H 68 16.87 -25.91 36.05
N SER H 69 18.05 -25.62 36.59
CA SER H 69 18.16 -24.56 37.59
C SER H 69 17.76 -23.19 37.05
N THR H 70 18.03 -22.91 35.77
CA THR H 70 17.77 -21.57 35.25
C THR H 70 16.29 -21.21 35.26
N ILE H 71 15.39 -22.18 35.34
CA ILE H 71 13.96 -21.91 35.31
C ILE H 71 13.26 -22.37 36.58
N SER H 72 14.04 -22.68 37.62
CA SER H 72 13.58 -23.34 38.84
C SER H 72 12.45 -22.61 39.57
N GLU H 73 12.81 -21.86 40.60
CA GLU H 73 11.85 -21.24 41.50
C GLU H 73 11.18 -20.02 40.86
N LYS H 74 10.59 -20.21 39.68
CA LYS H 74 10.17 -19.08 38.85
C LYS H 74 8.94 -19.49 38.04
N SER H 75 8.14 -18.50 37.67
CA SER H 75 6.95 -18.78 36.88
C SER H 75 7.31 -19.47 35.58
N LEU H 76 6.47 -20.41 35.17
CA LEU H 76 6.71 -21.17 33.95
C LEU H 76 5.63 -20.92 32.90
N GLY H 77 4.81 -19.88 33.08
CA GLY H 77 3.81 -19.50 32.12
C GLY H 77 4.07 -18.13 31.54
N GLY H 78 3.68 -17.95 30.28
CA GLY H 78 3.63 -16.63 29.72
C GLY H 78 4.95 -16.06 29.27
N TYR H 79 5.89 -16.92 28.83
CA TYR H 79 7.19 -16.46 28.31
C TYR H 79 7.07 -16.08 26.83
N PRO H 80 7.64 -14.95 26.42
CA PRO H 80 7.44 -14.48 25.03
C PRO H 80 8.14 -15.34 23.98
N VAL H 81 7.38 -15.74 22.96
CA VAL H 81 7.91 -16.51 21.84
C VAL H 81 8.65 -15.58 20.88
N ASP H 82 9.84 -15.99 20.48
CA ASP H 82 10.54 -15.40 19.34
C ASP H 82 10.47 -16.39 18.19
N LYS H 83 9.75 -16.04 17.12
CA LYS H 83 9.61 -16.98 16.00
C LYS H 83 10.79 -16.96 15.04
N THR H 84 11.74 -16.06 15.25
CA THR H 84 12.97 -16.12 14.47
C THR H 84 13.89 -17.25 14.90
N MET H 85 13.65 -17.85 16.06
CA MET H 85 14.48 -18.97 16.50
C MET H 85 14.37 -20.12 15.50
N ASP H 86 15.49 -20.82 15.30
CA ASP H 86 15.52 -21.94 14.38
C ASP H 86 14.42 -22.95 14.67
N GLU H 87 14.26 -23.32 15.96
CA GLU H 87 13.30 -24.34 16.35
C GLU H 87 11.87 -24.00 15.90
N TYR H 88 11.45 -22.74 16.09
CA TYR H 88 10.11 -22.35 15.64
C TYR H 88 9.94 -22.49 14.14
N THR H 89 11.01 -22.27 13.36
CA THR H 89 10.93 -22.37 11.91
C THR H 89 11.26 -23.76 11.38
N VAL H 90 12.06 -24.54 12.09
CA VAL H 90 12.23 -25.93 11.67
C VAL H 90 10.96 -26.71 11.95
N HIS H 91 10.24 -26.35 13.01
CA HIS H 91 8.97 -26.99 13.29
C HIS H 91 7.91 -26.68 12.23
N LEU H 92 7.88 -25.45 11.74
CA LEU H 92 6.90 -25.07 10.74
C LEU H 92 7.21 -25.64 9.37
N ASN H 93 8.41 -26.18 9.16
CA ASN H 93 8.67 -27.02 8.01
C ASN H 93 8.31 -28.48 8.27
N GLY H 94 7.65 -28.76 9.40
CA GLY H 94 7.28 -30.11 9.77
C GLY H 94 8.47 -31.03 9.99
N ARG H 95 9.41 -30.60 10.82
CA ARG H 95 10.57 -31.42 11.16
C ARG H 95 10.82 -31.32 12.66
N HIS H 96 11.34 -32.40 13.24
CA HIS H 96 11.72 -32.37 14.64
C HIS H 96 12.97 -31.52 14.80
N TYR H 97 13.11 -30.88 15.95
CA TYR H 97 14.26 -30.03 16.18
C TYR H 97 15.14 -30.60 17.29
N TYR H 98 16.45 -30.41 17.14
CA TYR H 98 17.39 -30.85 18.16
C TYR H 98 18.65 -30.00 18.10
N SER H 99 19.21 -29.73 19.27
CA SER H 99 20.45 -28.98 19.41
C SER H 99 21.00 -29.23 20.80
N ASN H 100 22.29 -28.95 20.96
CA ASN H 100 22.91 -29.03 22.27
C ASN H 100 23.03 -27.69 22.96
N SER H 101 22.49 -26.62 22.37
CA SER H 101 22.76 -25.28 22.92
C SER H 101 21.61 -24.28 22.79
N LYS H 102 20.70 -24.46 21.83
CA LYS H 102 19.58 -23.54 21.61
C LYS H 102 18.29 -24.11 22.19
N PHE H 103 17.75 -23.45 23.21
CA PHE H 103 16.50 -23.83 23.88
C PHE H 103 15.50 -22.68 23.77
N ALA H 104 14.78 -22.63 22.65
CA ALA H 104 14.06 -21.42 22.28
C ALA H 104 13.02 -21.08 23.33
N PHE H 105 12.19 -22.05 23.69
CA PHE H 105 11.02 -21.86 24.53
C PHE H 105 11.28 -22.07 26.02
N LEU H 106 12.42 -22.65 26.39
CA LEU H 106 12.85 -22.66 27.79
C LEU H 106 12.68 -21.27 28.40
N PRO H 107 11.79 -21.09 29.41
CA PRO H 107 11.43 -19.73 29.84
C PRO H 107 12.55 -19.01 30.57
N THR H 108 13.66 -18.73 29.89
CA THR H 108 14.75 -17.99 30.50
C THR H 108 15.59 -17.37 29.39
N LYS H 109 16.19 -16.22 29.71
CA LYS H 109 17.20 -15.61 28.87
C LYS H 109 18.59 -16.16 29.13
N LYS H 110 18.84 -16.70 30.31
CA LYS H 110 20.17 -17.20 30.61
C LYS H 110 20.51 -18.38 29.70
N PRO H 111 21.80 -18.62 29.45
CA PRO H 111 22.20 -19.65 28.46
C PRO H 111 21.97 -21.11 28.89
N THR H 112 21.91 -21.43 30.20
CA THR H 112 21.63 -22.78 30.71
C THR H 112 22.64 -23.84 30.26
N PRO H 113 23.93 -23.70 30.59
CA PRO H 113 24.92 -24.69 30.12
C PRO H 113 24.78 -26.05 30.80
N GLU H 114 23.92 -26.18 31.80
CA GLU H 114 23.77 -27.49 32.43
C GLU H 114 22.96 -28.46 31.58
N ILE H 115 22.48 -28.05 30.40
CA ILE H 115 21.69 -28.92 29.54
C ILE H 115 22.56 -29.39 28.38
N ASN H 116 22.66 -30.72 28.24
CA ASN H 116 23.47 -31.35 27.21
C ASN H 116 22.78 -31.31 25.85
N TYR H 117 21.46 -31.49 25.83
CA TYR H 117 20.81 -31.90 24.59
C TYR H 117 19.32 -31.74 24.72
N MET H 118 18.70 -31.25 23.66
CA MET H 118 17.26 -31.16 23.60
C MET H 118 16.81 -31.83 22.32
N TYR H 119 15.58 -32.36 22.34
CA TYR H 119 14.93 -32.91 21.18
C TYR H 119 13.46 -32.58 21.31
N SER H 120 12.88 -32.00 20.26
CA SER H 120 11.50 -31.56 20.35
C SER H 120 10.83 -31.73 19.00
N CYS H 121 9.52 -31.96 19.05
CA CYS H 121 8.75 -32.07 17.85
C CYS H 121 7.44 -31.35 18.09
N PRO H 122 6.91 -30.72 17.06
CA PRO H 122 5.70 -29.93 17.25
C PRO H 122 4.47 -30.83 17.28
N TYR H 123 3.42 -30.33 17.92
CA TYR H 123 2.10 -30.87 17.77
C TYR H 123 1.19 -29.79 17.18
N PHE H 124 0.14 -30.22 16.48
CA PHE H 124 -0.81 -29.33 15.82
C PHE H 124 -2.21 -29.67 16.30
N ASN H 125 -3.02 -28.63 16.56
CA ASN H 125 -4.32 -28.85 17.18
C ASN H 125 -5.30 -29.39 16.16
N LEU H 126 -6.56 -29.52 16.55
CA LEU H 126 -7.57 -30.00 15.63
C LEU H 126 -7.73 -29.10 14.40
N ASP H 127 -7.48 -27.79 14.55
CA ASP H 127 -7.50 -26.88 13.41
C ASP H 127 -6.20 -26.86 12.64
N ASN H 128 -5.28 -27.79 12.92
CA ASN H 128 -4.06 -28.00 12.12
C ASN H 128 -3.13 -26.80 12.15
N ILE H 129 -3.14 -26.07 13.27
CA ILE H 129 -2.20 -24.99 13.53
C ILE H 129 -1.18 -25.44 14.58
N TYR H 130 0.08 -25.06 14.36
CA TYR H 130 1.18 -25.14 15.33
C TYR H 130 0.75 -24.67 16.71
N ALA H 131 0.51 -25.61 17.64
CA ALA H 131 -0.02 -25.28 18.94
C ALA H 131 0.97 -25.47 20.10
N GLY H 132 2.18 -25.97 19.87
CA GLY H 132 3.12 -26.22 20.94
C GLY H 132 4.10 -27.31 20.60
N THR H 133 4.84 -27.78 21.62
CA THR H 133 5.91 -28.78 21.43
C THR H 133 5.92 -29.83 22.55
N ILE H 134 6.48 -30.98 22.22
CA ILE H 134 6.88 -32.00 23.19
C ILE H 134 8.39 -32.06 23.13
N THR H 135 9.04 -31.83 24.27
CA THR H 135 10.48 -31.60 24.31
C THR H 135 11.14 -32.41 25.41
N MET H 136 12.25 -33.05 25.08
CA MET H 136 13.02 -33.82 26.04
C MET H 136 14.40 -33.20 26.25
N TYR H 137 14.85 -33.18 27.51
CA TYR H 137 16.13 -32.57 27.87
C TYR H 137 17.01 -33.56 28.63
N TRP H 138 18.29 -33.60 28.28
CA TRP H 138 19.28 -34.35 29.02
C TRP H 138 20.29 -33.40 29.65
N TYR H 139 20.73 -33.71 30.88
CA TYR H 139 21.68 -32.84 31.57
C TYR H 139 23.12 -33.24 31.27
N ARG H 140 23.58 -34.30 31.93
CA ARG H 140 24.62 -35.16 31.40
C ARG H 140 24.01 -36.55 31.35
N ASN H 141 24.75 -37.47 30.72
CA ASN H 141 24.34 -38.82 30.34
C ASN H 141 23.97 -38.83 28.87
N ASP H 142 24.43 -39.85 28.14
CA ASP H 142 24.04 -40.09 26.76
C ASP H 142 22.55 -40.00 26.58
N HIS H 143 22.12 -39.79 25.34
CA HIS H 143 20.73 -39.91 24.98
C HIS H 143 20.61 -40.99 23.92
N ILE H 144 19.48 -41.71 23.94
CA ILE H 144 19.26 -42.70 22.89
C ILE H 144 19.22 -42.00 21.53
N SER H 145 19.33 -42.81 20.46
CA SER H 145 19.47 -42.27 19.12
C SER H 145 18.31 -41.33 18.78
N ASN H 146 18.60 -40.34 17.95
CA ASN H 146 17.55 -39.50 17.41
C ASN H 146 16.49 -40.34 16.73
N ASP H 147 16.91 -41.45 16.12
CA ASP H 147 15.97 -42.30 15.39
C ASP H 147 14.91 -42.88 16.31
N ARG H 148 15.26 -43.19 17.56
CA ARG H 148 14.23 -43.65 18.47
C ARG H 148 13.45 -42.49 19.07
N LEU H 149 14.09 -41.35 19.30
CA LEU H 149 13.35 -40.20 19.80
C LEU H 149 12.31 -39.76 18.79
N GLU H 150 12.60 -39.87 17.50
CA GLU H 150 11.65 -39.45 16.49
C GLU H 150 10.35 -40.24 16.57
N SER H 151 10.44 -41.57 16.80
CA SER H 151 9.23 -42.36 16.97
C SER H 151 8.54 -42.05 18.27
N ILE H 152 9.31 -41.94 19.34
CA ILE H 152 8.71 -41.61 20.63
C ILE H 152 7.97 -40.28 20.54
N CYS H 153 8.60 -39.26 19.96
CA CYS H 153 7.93 -37.96 19.86
C CYS H 153 6.78 -37.98 18.85
N ALA H 154 6.93 -38.69 17.74
CA ALA H 154 5.88 -38.67 16.72
C ALA H 154 4.58 -39.22 17.27
N GLN H 155 4.63 -40.37 17.95
CA GLN H 155 3.38 -40.94 18.42
C GLN H 155 2.74 -40.06 19.48
N ALA H 156 3.53 -39.42 20.32
CA ALA H 156 2.92 -38.50 21.28
C ALA H 156 2.29 -37.30 20.57
N ALA H 157 2.99 -36.73 19.59
CA ALA H 157 2.45 -35.57 18.90
C ALA H 157 1.15 -35.89 18.16
N ARG H 158 0.97 -37.14 17.74
CA ARG H 158 -0.25 -37.49 17.04
C ARG H 158 -1.42 -37.58 18.00
N ILE H 159 -1.17 -37.96 19.26
CA ILE H 159 -2.24 -38.01 20.25
C ILE H 159 -2.61 -36.62 20.71
N LEU H 160 -1.63 -35.86 21.21
CA LEU H 160 -1.87 -34.50 21.67
C LEU H 160 -2.53 -33.63 20.59
N GLY H 161 -2.26 -33.90 19.32
CA GLY H 161 -2.83 -33.11 18.25
C GLY H 161 -4.23 -33.50 17.82
N ARG H 162 -4.75 -34.63 18.35
CA ARG H 162 -6.17 -34.95 18.25
C ARG H 162 -6.94 -34.55 19.50
N ALA H 163 -6.25 -34.40 20.62
CA ALA H 163 -6.93 -34.16 21.86
C ALA H 163 -7.39 -32.72 21.93
N LYS H 164 -8.03 -32.42 23.07
CA LYS H 164 -8.34 -31.09 23.63
C LYS H 164 -9.74 -31.12 24.21
#